data_1NDN
# 
_entry.id   1NDN 
# 
_audit_conform.dict_name       mmcif_pdbx.dic 
_audit_conform.dict_version    5.386 
_audit_conform.dict_location   http://mmcif.pdb.org/dictionaries/ascii/mmcif_pdbx.dic 
# 
loop_
_database_2.database_id 
_database_2.database_code 
_database_2.pdbx_database_accession 
_database_2.pdbx_DOI 
PDB   1NDN         pdb_00001ndn 10.2210/pdb1ndn/pdb 
RCSB  BDL032       ?            ?                   
WWPDB D_1000175248 ?            ?                   
# 
loop_
_pdbx_audit_revision_history.ordinal 
_pdbx_audit_revision_history.data_content_type 
_pdbx_audit_revision_history.major_revision 
_pdbx_audit_revision_history.minor_revision 
_pdbx_audit_revision_history.revision_date 
1 'Structure model' 1 0 1992-07-14 
2 'Structure model' 1 1 2008-05-22 
3 'Structure model' 1 2 2011-07-13 
4 'Structure model' 1 3 2024-02-14 
# 
_pdbx_audit_revision_details.ordinal             1 
_pdbx_audit_revision_details.revision_ordinal    1 
_pdbx_audit_revision_details.data_content_type   'Structure model' 
_pdbx_audit_revision_details.provider            repository 
_pdbx_audit_revision_details.type                'Initial release' 
_pdbx_audit_revision_details.description         ? 
_pdbx_audit_revision_details.details             ? 
# 
loop_
_pdbx_audit_revision_group.ordinal 
_pdbx_audit_revision_group.revision_ordinal 
_pdbx_audit_revision_group.data_content_type 
_pdbx_audit_revision_group.group 
1 2 'Structure model' 'Version format compliance' 
2 3 'Structure model' 'Version format compliance' 
3 4 'Structure model' 'Data collection'           
4 4 'Structure model' 'Database references'       
# 
loop_
_pdbx_audit_revision_category.ordinal 
_pdbx_audit_revision_category.revision_ordinal 
_pdbx_audit_revision_category.data_content_type 
_pdbx_audit_revision_category.category 
1 4 'Structure model' chem_comp_atom 
2 4 'Structure model' chem_comp_bond 
3 4 'Structure model' database_2     
# 
loop_
_pdbx_audit_revision_item.ordinal 
_pdbx_audit_revision_item.revision_ordinal 
_pdbx_audit_revision_item.data_content_type 
_pdbx_audit_revision_item.item 
1 4 'Structure model' '_database_2.pdbx_DOI'                
2 4 'Structure model' '_database_2.pdbx_database_accession' 
# 
_pdbx_database_status.status_code                     REL 
_pdbx_database_status.entry_id                        1NDN 
_pdbx_database_status.recvd_initial_deposition_date   1992-01-15 
_pdbx_database_status.deposit_site                    BNL 
_pdbx_database_status.process_site                    BNL 
_pdbx_database_status.SG_entry                        ? 
_pdbx_database_status.status_code_sf                  ? 
_pdbx_database_status.status_code_mr                  ? 
_pdbx_database_status.pdb_format_compatible           Y 
_pdbx_database_status.status_code_cs                  ? 
_pdbx_database_status.status_code_nmr_data            ? 
_pdbx_database_status.methods_development_category    ? 
# 
loop_
_audit_author.name 
_audit_author.pdbx_ordinal 
'Aymani, J.'          1 
'Coll, M.'            2 
'Van Der Marel, G.A.' 3 
'Van Boom, J.H.'      4 
'Wang, A.H.-J.'       5 
'Rich, A.'            6 
# 
loop_
_citation.id 
_citation.title 
_citation.journal_abbrev 
_citation.journal_volume 
_citation.page_first 
_citation.page_last 
_citation.year 
_citation.journal_id_ASTM 
_citation.country 
_citation.journal_id_ISSN 
_citation.journal_id_CSD 
_citation.book_publisher 
_citation.pdbx_database_id_PubMed 
_citation.pdbx_database_id_DOI 
primary 'Molecular structure of nicked DNA: a substrate for DNA repair enzymes.' Proc.Natl.Acad.Sci.USA 87  2526 2530 1990 PNASA6 
US 0027-8424 0040 ? 2320572 10.1073/pnas.87.7.2526 
1       'Molecular Structure of the Netropsin-d(CGCGATATCGCG) Complex. DNA Conformation in an Alternating AT Segment' Biochemistry 
28  310  320  1989 BICHAW US 0006-2960 0033 ? ?       ?                      
2       
;A Bifurcated Hydrogen-Bonded Conformation in the d(*A(dot)*T) Base Pairs of the DNA Dodecamer d(CGCAAATTTGCG) and Its Complex With Distamycin
;
Proc.Natl.Acad.Sci.USA 84  8385 8389 1987 PNASA6 US 0027-8424 0040 ? ?       ?                      
3       'Crystal Structure Analysis of a Complete Turn of B-DNA' Nature                 287 755  ?    1980 NATUAS UK 0028-0836 
0006 ? ?       ?                      
# 
loop_
_citation_author.citation_id 
_citation_author.name 
_citation_author.ordinal 
_citation_author.identifier_ORCID 
primary 'Aymami, J.'          1  ? 
primary 'Coll, M.'            2  ? 
primary 'van der Marel, G.A.' 3  ? 
primary 'van Boom, J.H.'      4  ? 
primary 'Wang, A.H.'          5  ? 
primary 'Rich, A.'            6  ? 
1       'Coll, M.'            7  ? 
1       'Aymami, J.'          8  ? 
1       'Van Der Marel, G.A.' 9  ? 
1       'Van Boom, J.H.'      10 ? 
1       'Rich, A.'            11 ? 
1       'Wang, A.H.-J.'       12 ? 
2       'Coll, M.'            13 ? 
2       'Frederick, C.A.'     14 ? 
2       'Wang, A.H.-J.'       15 ? 
2       'Rich, A.'            16 ? 
3       'Wing, R.'            17 ? 
3       'Drew, H.'            18 ? 
3       'Takano, T.'          19 ? 
3       'Broka, C.'           20 ? 
3       'Tanaka, S.'          21 ? 
3       'Itakura, K.'         22 ? 
3       'Dickerson, R.E.'     23 ? 
# 
loop_
_entity.id 
_entity.type 
_entity.src_method 
_entity.pdbx_description 
_entity.formula_weight 
_entity.pdbx_number_of_molecules 
_entity.pdbx_ec 
_entity.pdbx_mutation 
_entity.pdbx_fragment 
_entity.details 
1 polymer syn 
;DNA (5'-D(*CP*GP*CP*GP*AP*AP*AP*AP*CP*GP*CP*G)-3')
;
3681.420 1  ? ? ? ? 
2 polymer syn 
;DNA (5'-D(*CP*GP*CP*GP*TP*T)-3')
;
1800.203 1  ? ? ? ? 
3 polymer syn 
;DNA (5'-D(*TP*TP*CP*GP*CP*G)-3')
;
1800.203 1  ? ? ? ? 
4 water   nat water                                                18.015   61 ? ? ? ? 
# 
loop_
_entity_poly.entity_id 
_entity_poly.type 
_entity_poly.nstd_linkage 
_entity_poly.nstd_monomer 
_entity_poly.pdbx_seq_one_letter_code 
_entity_poly.pdbx_seq_one_letter_code_can 
_entity_poly.pdbx_strand_id 
_entity_poly.pdbx_target_identifier 
1 polydeoxyribonucleotide no no '(DC)(DG)(DC)(DG)(DA)(DA)(DA)(DA)(DC)(DG)(DC)(DG)' CGCGAAAACGCG A ? 
2 polydeoxyribonucleotide no no '(DC)(DG)(DC)(DG)(DT)(DT)'                         CGCGTT       B ? 
3 polydeoxyribonucleotide no no '(DT)(DT)(DC)(DG)(DC)(DG)'                         TTCGCG       C ? 
# 
_pdbx_entity_nonpoly.entity_id   4 
_pdbx_entity_nonpoly.name        water 
_pdbx_entity_nonpoly.comp_id     HOH 
# 
loop_
_entity_poly_seq.entity_id 
_entity_poly_seq.num 
_entity_poly_seq.mon_id 
_entity_poly_seq.hetero 
1 1  DC n 
1 2  DG n 
1 3  DC n 
1 4  DG n 
1 5  DA n 
1 6  DA n 
1 7  DA n 
1 8  DA n 
1 9  DC n 
1 10 DG n 
1 11 DC n 
1 12 DG n 
2 1  DC n 
2 2  DG n 
2 3  DC n 
2 4  DG n 
2 5  DT n 
2 6  DT n 
3 1  DT n 
3 2  DT n 
3 3  DC n 
3 4  DG n 
3 5  DC n 
3 6  DG n 
# 
loop_
_chem_comp.id 
_chem_comp.type 
_chem_comp.mon_nstd_flag 
_chem_comp.name 
_chem_comp.pdbx_synonyms 
_chem_comp.formula 
_chem_comp.formula_weight 
DA  'DNA linking' y "2'-DEOXYADENOSINE-5'-MONOPHOSPHATE" ? 'C10 H14 N5 O6 P' 331.222 
DC  'DNA linking' y "2'-DEOXYCYTIDINE-5'-MONOPHOSPHATE"  ? 'C9 H14 N3 O7 P'  307.197 
DG  'DNA linking' y "2'-DEOXYGUANOSINE-5'-MONOPHOSPHATE" ? 'C10 H14 N5 O7 P' 347.221 
DT  'DNA linking' y "THYMIDINE-5'-MONOPHOSPHATE"         ? 'C10 H15 N2 O8 P' 322.208 
HOH non-polymer   . WATER                                ? 'H2 O'            18.015  
# 
loop_
_pdbx_poly_seq_scheme.asym_id 
_pdbx_poly_seq_scheme.entity_id 
_pdbx_poly_seq_scheme.seq_id 
_pdbx_poly_seq_scheme.mon_id 
_pdbx_poly_seq_scheme.ndb_seq_num 
_pdbx_poly_seq_scheme.pdb_seq_num 
_pdbx_poly_seq_scheme.auth_seq_num 
_pdbx_poly_seq_scheme.pdb_mon_id 
_pdbx_poly_seq_scheme.auth_mon_id 
_pdbx_poly_seq_scheme.pdb_strand_id 
_pdbx_poly_seq_scheme.pdb_ins_code 
_pdbx_poly_seq_scheme.hetero 
A 1 1  DC 1  1  1  DC C A . n 
A 1 2  DG 2  2  2  DG G A . n 
A 1 3  DC 3  3  3  DC C A . n 
A 1 4  DG 4  4  4  DG G A . n 
A 1 5  DA 5  5  5  DA A A . n 
A 1 6  DA 6  6  6  DA A A . n 
A 1 7  DA 7  7  7  DA A A . n 
A 1 8  DA 8  8  8  DA A A . n 
A 1 9  DC 9  9  9  DC C A . n 
A 1 10 DG 10 10 10 DG G A . n 
A 1 11 DC 11 11 11 DC C A . n 
A 1 12 DG 12 12 12 DG G A . n 
B 2 1  DC 1  13 13 DC C B . n 
B 2 2  DG 2  14 14 DG G B . n 
B 2 3  DC 3  15 15 DC C B . n 
B 2 4  DG 4  16 16 DG G B . n 
B 2 5  DT 5  17 17 DT T B . n 
B 2 6  DT 6  18 18 DT T B . n 
C 3 1  DT 1  19 19 DT T C . n 
C 3 2  DT 2  20 20 DT T C . n 
C 3 3  DC 3  21 21 DC C C . n 
C 3 4  DG 4  22 22 DG G C . n 
C 3 5  DC 5  23 23 DC C C . n 
C 3 6  DG 6  24 24 DG G C . n 
# 
loop_
_pdbx_nonpoly_scheme.asym_id 
_pdbx_nonpoly_scheme.entity_id 
_pdbx_nonpoly_scheme.mon_id 
_pdbx_nonpoly_scheme.ndb_seq_num 
_pdbx_nonpoly_scheme.pdb_seq_num 
_pdbx_nonpoly_scheme.auth_seq_num 
_pdbx_nonpoly_scheme.pdb_mon_id 
_pdbx_nonpoly_scheme.auth_mon_id 
_pdbx_nonpoly_scheme.pdb_strand_id 
_pdbx_nonpoly_scheme.pdb_ins_code 
D 4 HOH 1  27 27 HOH HOH A . 
D 4 HOH 2  28 28 HOH HOH A . 
D 4 HOH 3  30 30 HOH HOH A . 
D 4 HOH 4  32 32 HOH HOH A . 
D 4 HOH 5  35 35 HOH HOH A . 
D 4 HOH 6  36 36 HOH HOH A . 
D 4 HOH 7  41 41 HOH HOH A . 
D 4 HOH 8  42 42 HOH HOH A . 
D 4 HOH 9  44 44 HOH HOH A . 
D 4 HOH 10 45 45 HOH HOH A . 
D 4 HOH 11 48 48 HOH HOH A . 
D 4 HOH 12 50 50 HOH HOH A . 
D 4 HOH 13 51 51 HOH HOH A . 
D 4 HOH 14 52 52 HOH HOH A . 
D 4 HOH 15 54 54 HOH HOH A . 
D 4 HOH 16 59 59 HOH HOH A . 
D 4 HOH 17 60 60 HOH HOH A . 
D 4 HOH 18 63 63 HOH HOH A . 
D 4 HOH 19 64 64 HOH HOH A . 
D 4 HOH 20 66 66 HOH HOH A . 
D 4 HOH 21 67 67 HOH HOH A . 
D 4 HOH 22 68 68 HOH HOH A . 
D 4 HOH 23 69 69 HOH HOH A . 
D 4 HOH 24 71 71 HOH HOH A . 
D 4 HOH 25 74 74 HOH HOH A . 
D 4 HOH 26 75 75 HOH HOH A . 
D 4 HOH 27 76 76 HOH HOH A . 
D 4 HOH 28 77 77 HOH HOH A . 
D 4 HOH 29 79 79 HOH HOH A . 
D 4 HOH 30 85 85 HOH HOH A . 
E 4 HOH 1  82 82 HOH HOH B . 
F 4 HOH 1  25 25 HOH HOH C . 
F 4 HOH 2  26 26 HOH HOH C . 
F 4 HOH 3  29 29 HOH HOH C . 
F 4 HOH 4  31 31 HOH HOH C . 
F 4 HOH 5  33 33 HOH HOH C . 
F 4 HOH 6  34 34 HOH HOH C . 
F 4 HOH 7  37 37 HOH HOH C . 
F 4 HOH 8  38 38 HOH HOH C . 
F 4 HOH 9  39 39 HOH HOH C . 
F 4 HOH 10 40 40 HOH HOH C . 
F 4 HOH 11 43 43 HOH HOH C . 
F 4 HOH 12 46 46 HOH HOH C . 
F 4 HOH 13 47 47 HOH HOH C . 
F 4 HOH 14 49 49 HOH HOH C . 
F 4 HOH 15 53 53 HOH HOH C . 
F 4 HOH 16 55 55 HOH HOH C . 
F 4 HOH 17 56 56 HOH HOH C . 
F 4 HOH 18 57 57 HOH HOH C . 
F 4 HOH 19 58 58 HOH HOH C . 
F 4 HOH 20 61 61 HOH HOH C . 
F 4 HOH 21 62 62 HOH HOH C . 
F 4 HOH 22 65 65 HOH HOH C . 
F 4 HOH 23 70 70 HOH HOH C . 
F 4 HOH 24 72 72 HOH HOH C . 
F 4 HOH 25 73 73 HOH HOH C . 
F 4 HOH 26 78 78 HOH HOH C . 
F 4 HOH 27 80 80 HOH HOH C . 
F 4 HOH 28 81 81 HOH HOH C . 
F 4 HOH 29 83 83 HOH HOH C . 
F 4 HOH 30 84 84 HOH HOH C . 
# 
loop_
_software.name 
_software.classification 
_software.version 
_software.citation_id 
_software.pdbx_ordinal 
ULTIMA 'model building' . ? 1 
NUCLSQ refinement       . ? 2 
ULTIMA phasing          . ? 3 
# 
_cell.entry_id           1NDN 
_cell.length_a           25.990 
_cell.length_b           44.030 
_cell.length_c           66.620 
_cell.angle_alpha        90.00 
_cell.angle_beta         90.00 
_cell.angle_gamma        90.00 
_cell.Z_PDB              4 
_cell.pdbx_unique_axis   ? 
_cell.length_a_esd       ? 
_cell.length_b_esd       ? 
_cell.length_c_esd       ? 
_cell.angle_alpha_esd    ? 
_cell.angle_beta_esd     ? 
_cell.angle_gamma_esd    ? 
# 
_symmetry.entry_id                         1NDN 
_symmetry.space_group_name_H-M             'P 21 21 21' 
_symmetry.pdbx_full_space_group_name_H-M   ? 
_symmetry.cell_setting                     ? 
_symmetry.Int_Tables_number                19 
_symmetry.space_group_name_Hall            ? 
# 
_exptl.entry_id          1NDN 
_exptl.method            'X-RAY DIFFRACTION' 
_exptl.crystals_number   ? 
# 
_exptl_crystal.id                    1 
_exptl_crystal.density_meas          ? 
_exptl_crystal.density_percent_sol   53.01 
_exptl_crystal.density_Matthews      2.62 
_exptl_crystal.description           ? 
_exptl_crystal.F_000                 ? 
_exptl_crystal.preparation           ? 
# 
_exptl_crystal_grow.crystal_id      1 
_exptl_crystal_grow.method          'VAPOR DIFFUSION' 
_exptl_crystal_grow.temp            277.00 
_exptl_crystal_grow.temp_details    ? 
_exptl_crystal_grow.pH              5.00 
_exptl_crystal_grow.pdbx_details    'pH 5.00, VAPOR DIFFUSION, temperature 277.00K' 
_exptl_crystal_grow.pdbx_pH_range   ? 
# 
loop_
_exptl_crystal_grow_comp.crystal_id 
_exptl_crystal_grow_comp.id 
_exptl_crystal_grow_comp.sol_id 
_exptl_crystal_grow_comp.name 
_exptl_crystal_grow_comp.volume 
_exptl_crystal_grow_comp.conc 
_exptl_crystal_grow_comp.details 
1 1 1 WATER           ? ? ? 
1 2 1 MPD             ? ? ? 
1 3 1 MGCL2           ? ? ? 
1 4 1 'NA CACODYLATE' ? ? ? 
1 5 1 SPERMINE_HCL    ? ? ? 
1 6 2 WATER           ? ? ? 
1 7 2 MPD             ? ? ? 
# 
_diffrn.id                     1 
_diffrn.ambient_temp           298.00 
_diffrn.ambient_temp_details   ? 
_diffrn.crystal_id             1 
# 
_diffrn_detector.diffrn_id              1 
_diffrn_detector.detector               DIFFRACTOMETER 
_diffrn_detector.type                   'RIGAKU AFC-5R' 
_diffrn_detector.pdbx_collection_date   ? 
_diffrn_detector.details                ? 
# 
_diffrn_radiation.diffrn_id                        1 
_diffrn_radiation.wavelength_id                    1 
_diffrn_radiation.pdbx_monochromatic_or_laue_m_l   ? 
_diffrn_radiation.monochromator                    ? 
_diffrn_radiation.pdbx_diffrn_protocol             ? 
_diffrn_radiation.pdbx_scattering_type             x-ray 
# 
_diffrn_radiation_wavelength.id           1 
_diffrn_radiation_wavelength.wavelength   . 
_diffrn_radiation_wavelength.wt           1.0 
# 
_diffrn_source.diffrn_id                   1 
_diffrn_source.source                      'ROTATING ANODE' 
_diffrn_source.type                        ? 
_diffrn_source.pdbx_synchrotron_site       ? 
_diffrn_source.pdbx_synchrotron_beamline   ? 
_diffrn_source.pdbx_wavelength             ? 
_diffrn_source.pdbx_wavelength_list        ? 
# 
_reflns.entry_id                     1NDN 
_reflns.observed_criterion_sigma_I   ? 
_reflns.observed_criterion_sigma_F   2.000 
_reflns.d_resolution_low             ? 
_reflns.d_resolution_high            3.000 
_reflns.number_obs                   553 
_reflns.number_all                   ? 
_reflns.percent_possible_obs         ? 
_reflns.pdbx_Rmerge_I_obs            ? 
_reflns.pdbx_Rsym_value              ? 
_reflns.pdbx_netI_over_sigmaI        ? 
_reflns.B_iso_Wilson_estimate        ? 
_reflns.pdbx_redundancy              ? 
_reflns.R_free_details               ? 
_reflns.pdbx_chi_squared             ? 
_reflns.pdbx_scaling_rejects         ? 
_reflns.pdbx_diffrn_id               1 
_reflns.pdbx_ordinal                 1 
# 
_refine.entry_id                                 1NDN 
_refine.ls_number_reflns_obs                     553 
_refine.ls_number_reflns_all                     ? 
_refine.pdbx_ls_sigma_I                          ? 
_refine.pdbx_ls_sigma_F                          2.000 
_refine.pdbx_data_cutoff_high_absF               ? 
_refine.pdbx_data_cutoff_low_absF                ? 
_refine.pdbx_data_cutoff_high_rms_absF           ? 
_refine.ls_d_res_low                             ? 
_refine.ls_d_res_high                            3.000 
_refine.ls_percent_reflns_obs                    ? 
_refine.ls_R_factor_obs                          0.1860000 
_refine.ls_R_factor_all                          ? 
_refine.ls_R_factor_R_work                       ? 
_refine.ls_R_factor_R_free                       ? 
_refine.ls_R_factor_R_free_error                 ? 
_refine.ls_R_factor_R_free_error_details         ? 
_refine.ls_percent_reflns_R_free                 ? 
_refine.ls_number_reflns_R_free                  ? 
_refine.ls_number_parameters                     ? 
_refine.ls_number_restraints                     ? 
_refine.occupancy_min                            ? 
_refine.occupancy_max                            ? 
_refine.B_iso_mean                               ? 
_refine.aniso_B[1][1]                            ? 
_refine.aniso_B[2][2]                            ? 
_refine.aniso_B[3][3]                            ? 
_refine.aniso_B[1][2]                            ? 
_refine.aniso_B[1][3]                            ? 
_refine.aniso_B[2][3]                            ? 
_refine.solvent_model_details                    ? 
_refine.solvent_model_param_ksol                 ? 
_refine.solvent_model_param_bsol                 ? 
_refine.pdbx_ls_cross_valid_method               ? 
_refine.details                                  ? 
_refine.pdbx_starting_model                      ? 
_refine.pdbx_method_to_determine_struct          'MOLECULAR REPLACEMENT' 
_refine.pdbx_isotropic_thermal_model             ? 
_refine.pdbx_stereochemistry_target_values       ? 
_refine.pdbx_stereochem_target_val_spec_case     ? 
_refine.pdbx_R_Free_selection_details            ? 
_refine.pdbx_overall_ESU_R                       ? 
_refine.pdbx_overall_ESU_R_Free                  ? 
_refine.overall_SU_ML                            ? 
_refine.overall_SU_B                             ? 
_refine.ls_redundancy_reflns_obs                 ? 
_refine.pdbx_overall_phase_error                 ? 
_refine.correlation_coeff_Fo_to_Fc               ? 
_refine.correlation_coeff_Fo_to_Fc_free          ? 
_refine.pdbx_solvent_vdw_probe_radii             ? 
_refine.pdbx_solvent_ion_probe_radii             ? 
_refine.pdbx_solvent_shrinkage_radii             ? 
_refine.overall_SU_R_Cruickshank_DPI             ? 
_refine.overall_SU_R_free                        ? 
_refine.ls_wR_factor_R_free                      ? 
_refine.ls_wR_factor_R_work                      ? 
_refine.overall_FOM_free_R_set                   ? 
_refine.overall_FOM_work_R_set                   ? 
_refine.pdbx_refine_id                           'X-RAY DIFFRACTION' 
_refine.pdbx_diffrn_id                           1 
_refine.pdbx_TLS_residual_ADP_flag               ? 
_refine.pdbx_overall_SU_R_free_Cruickshank_DPI   ? 
_refine.pdbx_overall_SU_R_Blow_DPI               ? 
_refine.pdbx_overall_SU_R_free_Blow_DPI          ? 
# 
_refine_hist.pdbx_refine_id                   'X-RAY DIFFRACTION' 
_refine_hist.cycle_id                         LAST 
_refine_hist.pdbx_number_atoms_protein        0 
_refine_hist.pdbx_number_atoms_nucleic_acid   483 
_refine_hist.pdbx_number_atoms_ligand         0 
_refine_hist.number_atoms_solvent             61 
_refine_hist.number_atoms_total               544 
_refine_hist.d_res_high                       3.000 
_refine_hist.d_res_low                        . 
# 
_struct.entry_id                  1NDN 
_struct.title                     'MOLECULAR STRUCTURE OF NICKED DNA. MODEL T4' 
_struct.pdbx_model_details        ? 
_struct.pdbx_CASP_flag            ? 
_struct.pdbx_model_type_details   ? 
# 
_struct_keywords.entry_id        1NDN 
_struct_keywords.pdbx_keywords   DNA 
_struct_keywords.text            'B-DNA, DOUBLE HELIX, NICKED, DNA' 
# 
loop_
_struct_asym.id 
_struct_asym.pdbx_blank_PDB_chainid_flag 
_struct_asym.pdbx_modified 
_struct_asym.entity_id 
_struct_asym.details 
A N N 1 ? 
B N N 2 ? 
C N N 3 ? 
D N N 4 ? 
E N N 4 ? 
F N N 4 ? 
# 
loop_
_struct_ref.id 
_struct_ref.entity_id 
_struct_ref.db_name 
_struct_ref.db_code 
_struct_ref.pdbx_db_accession 
_struct_ref.pdbx_db_isoform 
_struct_ref.pdbx_seq_one_letter_code 
_struct_ref.pdbx_align_begin 
1 1 PDB 1NDN 1NDN ? ? ? 
2 2 PDB 1NDN 1NDN ? ? ? 
3 3 PDB 1NDN 1NDN ? ? ? 
# 
loop_
_struct_ref_seq.align_id 
_struct_ref_seq.ref_id 
_struct_ref_seq.pdbx_PDB_id_code 
_struct_ref_seq.pdbx_strand_id 
_struct_ref_seq.seq_align_beg 
_struct_ref_seq.pdbx_seq_align_beg_ins_code 
_struct_ref_seq.seq_align_end 
_struct_ref_seq.pdbx_seq_align_end_ins_code 
_struct_ref_seq.pdbx_db_accession 
_struct_ref_seq.db_align_beg 
_struct_ref_seq.pdbx_db_align_beg_ins_code 
_struct_ref_seq.db_align_end 
_struct_ref_seq.pdbx_db_align_end_ins_code 
_struct_ref_seq.pdbx_auth_seq_align_beg 
_struct_ref_seq.pdbx_auth_seq_align_end 
1 1 1NDN A 1 ? 12 ? 1NDN 1  ? 12 ? 1  12 
2 2 1NDN B 1 ? 6  ? 1NDN 13 ? 18 ? 13 18 
3 3 1NDN C 1 ? 6  ? 1NDN 19 ? 24 ? 19 24 
# 
_pdbx_struct_assembly.id                   1 
_pdbx_struct_assembly.details              author_and_software_defined_assembly 
_pdbx_struct_assembly.method_details       PISA 
_pdbx_struct_assembly.oligomeric_details   trimeric 
_pdbx_struct_assembly.oligomeric_count     3 
# 
loop_
_pdbx_struct_assembly_prop.biol_id 
_pdbx_struct_assembly_prop.type 
_pdbx_struct_assembly_prop.value 
_pdbx_struct_assembly_prop.details 
1 'ABSA (A^2)' 1480 ? 
1 MORE         -5   ? 
1 'SSA (A^2)'  4310 ? 
# 
_pdbx_struct_assembly_gen.assembly_id       1 
_pdbx_struct_assembly_gen.oper_expression   1 
_pdbx_struct_assembly_gen.asym_id_list      A,B,C,D,E,F 
# 
_pdbx_struct_oper_list.id                   1 
_pdbx_struct_oper_list.type                 'identity operation' 
_pdbx_struct_oper_list.name                 1_555 
_pdbx_struct_oper_list.symmetry_operation   x,y,z 
_pdbx_struct_oper_list.matrix[1][1]         1.0000000000 
_pdbx_struct_oper_list.matrix[1][2]         0.0000000000 
_pdbx_struct_oper_list.matrix[1][3]         0.0000000000 
_pdbx_struct_oper_list.vector[1]            0.0000000000 
_pdbx_struct_oper_list.matrix[2][1]         0.0000000000 
_pdbx_struct_oper_list.matrix[2][2]         1.0000000000 
_pdbx_struct_oper_list.matrix[2][3]         0.0000000000 
_pdbx_struct_oper_list.vector[2]            0.0000000000 
_pdbx_struct_oper_list.matrix[3][1]         0.0000000000 
_pdbx_struct_oper_list.matrix[3][2]         0.0000000000 
_pdbx_struct_oper_list.matrix[3][3]         1.0000000000 
_pdbx_struct_oper_list.vector[3]            0.0000000000 
# 
_struct_biol.id        1 
_struct_biol.details   ? 
# 
loop_
_struct_conn.id 
_struct_conn.conn_type_id 
_struct_conn.pdbx_leaving_atom_flag 
_struct_conn.pdbx_PDB_id 
_struct_conn.ptnr1_label_asym_id 
_struct_conn.ptnr1_label_comp_id 
_struct_conn.ptnr1_label_seq_id 
_struct_conn.ptnr1_label_atom_id 
_struct_conn.pdbx_ptnr1_label_alt_id 
_struct_conn.pdbx_ptnr1_PDB_ins_code 
_struct_conn.pdbx_ptnr1_standard_comp_id 
_struct_conn.ptnr1_symmetry 
_struct_conn.ptnr2_label_asym_id 
_struct_conn.ptnr2_label_comp_id 
_struct_conn.ptnr2_label_seq_id 
_struct_conn.ptnr2_label_atom_id 
_struct_conn.pdbx_ptnr2_label_alt_id 
_struct_conn.pdbx_ptnr2_PDB_ins_code 
_struct_conn.ptnr1_auth_asym_id 
_struct_conn.ptnr1_auth_comp_id 
_struct_conn.ptnr1_auth_seq_id 
_struct_conn.ptnr2_auth_asym_id 
_struct_conn.ptnr2_auth_comp_id 
_struct_conn.ptnr2_auth_seq_id 
_struct_conn.ptnr2_symmetry 
_struct_conn.pdbx_ptnr3_label_atom_id 
_struct_conn.pdbx_ptnr3_label_seq_id 
_struct_conn.pdbx_ptnr3_label_comp_id 
_struct_conn.pdbx_ptnr3_label_asym_id 
_struct_conn.pdbx_ptnr3_label_alt_id 
_struct_conn.pdbx_ptnr3_PDB_ins_code 
_struct_conn.details 
_struct_conn.pdbx_dist_value 
_struct_conn.pdbx_value_order 
_struct_conn.pdbx_role 
hydrog1  hydrog ? ? A DC 1  N3 ? ? ? 1_555 C DG 6 N1 ? ? A DC 1  C DG 24 1_555 ? ? ? ? ? ? WATSON-CRICK ? ? ? 
hydrog2  hydrog ? ? A DC 1  N4 ? ? ? 1_555 C DG 6 O6 ? ? A DC 1  C DG 24 1_555 ? ? ? ? ? ? WATSON-CRICK ? ? ? 
hydrog3  hydrog ? ? A DC 1  O2 ? ? ? 1_555 C DG 6 N2 ? ? A DC 1  C DG 24 1_555 ? ? ? ? ? ? WATSON-CRICK ? ? ? 
hydrog4  hydrog ? ? A DG 2  N1 ? ? ? 1_555 C DC 5 N3 ? ? A DG 2  C DC 23 1_555 ? ? ? ? ? ? WATSON-CRICK ? ? ? 
hydrog5  hydrog ? ? A DG 2  N2 ? ? ? 1_555 C DC 5 O2 ? ? A DG 2  C DC 23 1_555 ? ? ? ? ? ? WATSON-CRICK ? ? ? 
hydrog6  hydrog ? ? A DG 2  O6 ? ? ? 1_555 C DC 5 N4 ? ? A DG 2  C DC 23 1_555 ? ? ? ? ? ? WATSON-CRICK ? ? ? 
hydrog7  hydrog ? ? A DC 3  N3 ? ? ? 1_555 C DG 4 N1 ? ? A DC 3  C DG 22 1_555 ? ? ? ? ? ? WATSON-CRICK ? ? ? 
hydrog8  hydrog ? ? A DC 3  N4 ? ? ? 1_555 C DG 4 O6 ? ? A DC 3  C DG 22 1_555 ? ? ? ? ? ? WATSON-CRICK ? ? ? 
hydrog9  hydrog ? ? A DC 3  O2 ? ? ? 1_555 C DG 4 N2 ? ? A DC 3  C DG 22 1_555 ? ? ? ? ? ? WATSON-CRICK ? ? ? 
hydrog10 hydrog ? ? A DG 4  N1 ? ? ? 1_555 C DC 3 N3 ? ? A DG 4  C DC 21 1_555 ? ? ? ? ? ? WATSON-CRICK ? ? ? 
hydrog11 hydrog ? ? A DG 4  N2 ? ? ? 1_555 C DC 3 O2 ? ? A DG 4  C DC 21 1_555 ? ? ? ? ? ? WATSON-CRICK ? ? ? 
hydrog12 hydrog ? ? A DG 4  O6 ? ? ? 1_555 C DC 3 N4 ? ? A DG 4  C DC 21 1_555 ? ? ? ? ? ? WATSON-CRICK ? ? ? 
hydrog13 hydrog ? ? A DA 5  N1 ? ? ? 1_555 C DT 2 N3 ? ? A DA 5  C DT 20 1_555 ? ? ? ? ? ? WATSON-CRICK ? ? ? 
hydrog14 hydrog ? ? A DA 5  N6 ? ? ? 1_555 C DT 2 O4 ? ? A DA 5  C DT 20 1_555 ? ? ? ? ? ? WATSON-CRICK ? ? ? 
hydrog15 hydrog ? ? A DA 6  N1 ? ? ? 1_555 C DT 1 N3 ? ? A DA 6  C DT 19 1_555 ? ? ? ? ? ? WATSON-CRICK ? ? ? 
hydrog16 hydrog ? ? A DA 6  N6 ? ? ? 1_555 C DT 1 O4 ? ? A DA 6  C DT 19 1_555 ? ? ? ? ? ? WATSON-CRICK ? ? ? 
hydrog17 hydrog ? ? A DA 7  N1 ? ? ? 1_555 B DT 6 N3 ? ? A DA 7  B DT 18 1_555 ? ? ? ? ? ? WATSON-CRICK ? ? ? 
hydrog18 hydrog ? ? A DA 7  N6 ? ? ? 1_555 B DT 6 O4 ? ? A DA 7  B DT 18 1_555 ? ? ? ? ? ? WATSON-CRICK ? ? ? 
hydrog19 hydrog ? ? A DA 7  N1 ? ? ? 1_555 C DT 1 N3 ? ? A DA 7  C DT 19 1_555 ? ? ? ? ? ? WATSON-CRICK ? ? ? 
hydrog20 hydrog ? ? A DA 7  N6 ? ? ? 1_555 C DT 1 O4 ? ? A DA 7  C DT 19 1_555 ? ? ? ? ? ? WATSON-CRICK ? ? ? 
hydrog21 hydrog ? ? A DA 8  N1 ? ? ? 1_555 B DT 5 N3 ? ? A DA 8  B DT 17 1_555 ? ? ? ? ? ? WATSON-CRICK ? ? ? 
hydrog22 hydrog ? ? A DA 8  N6 ? ? ? 1_555 B DT 5 O4 ? ? A DA 8  B DT 17 1_555 ? ? ? ? ? ? WATSON-CRICK ? ? ? 
hydrog23 hydrog ? ? A DC 9  N3 ? ? ? 1_555 B DG 4 N1 ? ? A DC 9  B DG 16 1_555 ? ? ? ? ? ? WATSON-CRICK ? ? ? 
hydrog24 hydrog ? ? A DC 9  N4 ? ? ? 1_555 B DG 4 O6 ? ? A DC 9  B DG 16 1_555 ? ? ? ? ? ? WATSON-CRICK ? ? ? 
hydrog25 hydrog ? ? A DC 9  O2 ? ? ? 1_555 B DG 4 N2 ? ? A DC 9  B DG 16 1_555 ? ? ? ? ? ? WATSON-CRICK ? ? ? 
hydrog26 hydrog ? ? A DG 10 N1 ? ? ? 1_555 B DC 3 N3 ? ? A DG 10 B DC 15 1_555 ? ? ? ? ? ? WATSON-CRICK ? ? ? 
hydrog27 hydrog ? ? A DG 10 N2 ? ? ? 1_555 B DC 3 O2 ? ? A DG 10 B DC 15 1_555 ? ? ? ? ? ? WATSON-CRICK ? ? ? 
hydrog28 hydrog ? ? A DG 10 O6 ? ? ? 1_555 B DC 3 N4 ? ? A DG 10 B DC 15 1_555 ? ? ? ? ? ? WATSON-CRICK ? ? ? 
hydrog29 hydrog ? ? A DC 11 N3 ? ? ? 1_555 B DG 2 N1 ? ? A DC 11 B DG 14 1_555 ? ? ? ? ? ? WATSON-CRICK ? ? ? 
hydrog30 hydrog ? ? A DC 11 N4 ? ? ? 1_555 B DG 2 O6 ? ? A DC 11 B DG 14 1_555 ? ? ? ? ? ? WATSON-CRICK ? ? ? 
hydrog31 hydrog ? ? A DC 11 O2 ? ? ? 1_555 B DG 2 N2 ? ? A DC 11 B DG 14 1_555 ? ? ? ? ? ? WATSON-CRICK ? ? ? 
hydrog32 hydrog ? ? A DG 12 N1 ? ? ? 1_555 B DC 1 N3 ? ? A DG 12 B DC 13 1_555 ? ? ? ? ? ? WATSON-CRICK ? ? ? 
hydrog33 hydrog ? ? A DG 12 N2 ? ? ? 1_555 B DC 1 O2 ? ? A DG 12 B DC 13 1_555 ? ? ? ? ? ? WATSON-CRICK ? ? ? 
hydrog34 hydrog ? ? A DG 12 O6 ? ? ? 1_555 B DC 1 N4 ? ? A DG 12 B DC 13 1_555 ? ? ? ? ? ? WATSON-CRICK ? ? ? 
# 
_struct_conn_type.id          hydrog 
_struct_conn_type.criteria    ? 
_struct_conn_type.reference   ? 
# 
loop_
_pdbx_validate_rmsd_bond.id 
_pdbx_validate_rmsd_bond.PDB_model_num 
_pdbx_validate_rmsd_bond.auth_atom_id_1 
_pdbx_validate_rmsd_bond.auth_asym_id_1 
_pdbx_validate_rmsd_bond.auth_comp_id_1 
_pdbx_validate_rmsd_bond.auth_seq_id_1 
_pdbx_validate_rmsd_bond.PDB_ins_code_1 
_pdbx_validate_rmsd_bond.label_alt_id_1 
_pdbx_validate_rmsd_bond.auth_atom_id_2 
_pdbx_validate_rmsd_bond.auth_asym_id_2 
_pdbx_validate_rmsd_bond.auth_comp_id_2 
_pdbx_validate_rmsd_bond.auth_seq_id_2 
_pdbx_validate_rmsd_bond.PDB_ins_code_2 
_pdbx_validate_rmsd_bond.label_alt_id_2 
_pdbx_validate_rmsd_bond.bond_value 
_pdbx_validate_rmsd_bond.bond_target_value 
_pdbx_validate_rmsd_bond.bond_deviation 
_pdbx_validate_rmsd_bond.bond_standard_deviation 
_pdbx_validate_rmsd_bond.linker_flag 
1  1 "O3'" A DC 3  ? ? P     A DG 4  ? ? 1.703 1.607 0.096  0.012 Y 
2  1 "O3'" A DA 5  ? ? P     A DA 6  ? ? 1.516 1.607 -0.091 0.012 Y 
3  1 P     A DA 6  ? ? OP1   A DA 6  ? ? 1.615 1.485 0.130  0.017 N 
4  1 "O3'" A DC 9  ? ? P     A DG 10 ? ? 1.522 1.607 -0.085 0.012 Y 
5  1 "O3'" A DC 11 ? ? P     A DG 12 ? ? 1.525 1.607 -0.082 0.012 Y 
6  1 N3    B DC 15 ? ? C4    B DC 15 ? ? 1.378 1.335 0.043  0.007 N 
7  1 "C2'" C DT 20 ? ? "C1'" C DT 20 ? ? 1.583 1.519 0.064  0.010 N 
8  1 "O3'" C DC 21 ? ? P     C DG 22 ? ? 1.508 1.607 -0.099 0.012 Y 
9  1 "O4'" C DG 22 ? ? "C1'" C DG 22 ? ? 1.495 1.420 0.075  0.011 N 
10 1 "O3'" C DG 22 ? ? P     C DC 23 ? ? 1.496 1.607 -0.111 0.012 Y 
11 1 P     C DC 23 ? ? "O5'" C DC 23 ? ? 1.684 1.593 0.091  0.010 N 
# 
loop_
_pdbx_validate_rmsd_angle.id 
_pdbx_validate_rmsd_angle.PDB_model_num 
_pdbx_validate_rmsd_angle.auth_atom_id_1 
_pdbx_validate_rmsd_angle.auth_asym_id_1 
_pdbx_validate_rmsd_angle.auth_comp_id_1 
_pdbx_validate_rmsd_angle.auth_seq_id_1 
_pdbx_validate_rmsd_angle.PDB_ins_code_1 
_pdbx_validate_rmsd_angle.label_alt_id_1 
_pdbx_validate_rmsd_angle.auth_atom_id_2 
_pdbx_validate_rmsd_angle.auth_asym_id_2 
_pdbx_validate_rmsd_angle.auth_comp_id_2 
_pdbx_validate_rmsd_angle.auth_seq_id_2 
_pdbx_validate_rmsd_angle.PDB_ins_code_2 
_pdbx_validate_rmsd_angle.label_alt_id_2 
_pdbx_validate_rmsd_angle.auth_atom_id_3 
_pdbx_validate_rmsd_angle.auth_asym_id_3 
_pdbx_validate_rmsd_angle.auth_comp_id_3 
_pdbx_validate_rmsd_angle.auth_seq_id_3 
_pdbx_validate_rmsd_angle.PDB_ins_code_3 
_pdbx_validate_rmsd_angle.label_alt_id_3 
_pdbx_validate_rmsd_angle.angle_value 
_pdbx_validate_rmsd_angle.angle_target_value 
_pdbx_validate_rmsd_angle.angle_deviation 
_pdbx_validate_rmsd_angle.angle_standard_deviation 
_pdbx_validate_rmsd_angle.linker_flag 
1   1 N3    A DC 1  ? ? C4    A DC 1  ? ? N4    A DC 1  ? ? 122.39 118.00 4.39   0.70 N 
2   1 "C3'" A DC 1  ? ? "O3'" A DC 1  ? ? P     A DG 2  ? ? 138.31 119.70 18.61  1.20 Y 
3   1 C5    A DG 2  ? ? C6    A DG 2  ? ? O6    A DG 2  ? ? 123.69 128.60 -4.91  0.60 N 
4   1 "C3'" A DG 2  ? ? "O3'" A DG 2  ? ? P     A DC 3  ? ? 130.36 119.70 10.66  1.20 Y 
5   1 OP1   A DC 3  ? ? P     A DC 3  ? ? OP2   A DC 3  ? ? 105.80 119.60 -13.80 1.50 N 
6   1 "O5'" A DC 3  ? ? P     A DC 3  ? ? OP1   A DC 3  ? ? 119.22 110.70 8.52   1.20 N 
7   1 "O4'" A DC 3  ? ? "C1'" A DC 3  ? ? N1    A DC 3  ? ? 113.03 108.30 4.73   0.30 N 
8   1 N3    A DC 3  ? ? C4    A DC 3  ? ? N4    A DC 3  ? ? 125.11 118.00 7.11   0.70 N 
9   1 C5    A DC 3  ? ? C4    A DC 3  ? ? N4    A DC 3  ? ? 114.80 120.20 -5.40  0.70 N 
10  1 "C3'" A DC 3  ? ? "O3'" A DC 3  ? ? P     A DG 4  ? ? 110.86 119.70 -8.84  1.20 Y 
11  1 "O5'" A DG 4  ? ? P     A DG 4  ? ? OP1   A DG 4  ? ? 121.42 110.70 10.72  1.20 N 
12  1 "O4'" A DG 4  ? ? "C1'" A DG 4  ? ? "C2'" A DG 4  ? ? 100.79 105.90 -5.11  0.80 N 
13  1 "O4'" A DG 4  ? ? "C1'" A DG 4  ? ? N9    A DG 4  ? ? 116.08 108.30 7.78   0.30 N 
14  1 C6    A DG 4  ? ? N1    A DG 4  ? ? C2    A DG 4  ? ? 121.49 125.10 -3.61  0.60 N 
15  1 C5    A DG 4  ? ? C6    A DG 4  ? ? N1    A DG 4  ? ? 114.64 111.50 3.14   0.50 N 
16  1 C5    A DG 4  ? ? C6    A DG 4  ? ? O6    A DG 4  ? ? 124.56 128.60 -4.04  0.60 N 
17  1 OP1   A DA 5  ? ? P     A DA 5  ? ? OP2   A DA 5  ? ? 109.20 119.60 -10.40 1.50 N 
18  1 "O4'" A DA 5  ? ? "C1'" A DA 5  ? ? N9    A DA 5  ? ? 115.32 108.30 7.02   0.30 N 
19  1 C6    A DA 5  ? ? N1    A DA 5  ? ? C2    A DA 5  ? ? 123.22 118.60 4.62   0.60 N 
20  1 N1    A DA 5  ? ? C2    A DA 5  ? ? N3    A DA 5  ? ? 124.03 129.30 -5.27  0.50 N 
21  1 "C3'" A DA 5  ? ? "O3'" A DA 5  ? ? P     A DA 6  ? ? 139.61 119.70 19.91  1.20 Y 
22  1 OP1   A DA 6  ? ? P     A DA 6  ? ? OP2   A DA 6  ? ? 105.78 119.60 -13.82 1.50 N 
23  1 "C4'" A DA 6  ? ? "C3'" A DA 6  ? ? "C2'" A DA 6  ? ? 97.18  102.20 -5.02  0.70 N 
24  1 "C3'" A DA 6  ? ? "C2'" A DA 6  ? ? "C1'" A DA 6  ? ? 91.89  102.40 -10.51 0.80 N 
25  1 "O4'" A DA 6  ? ? "C1'" A DA 6  ? ? N9    A DA 6  ? ? 116.12 108.30 7.82   0.30 N 
26  1 C6    A DA 6  ? ? N1    A DA 6  ? ? C2    A DA 6  ? ? 122.96 118.60 4.36   0.60 N 
27  1 N1    A DA 6  ? ? C2    A DA 6  ? ? N3    A DA 6  ? ? 125.06 129.30 -4.24  0.50 N 
28  1 "C3'" A DA 6  ? ? "O3'" A DA 6  ? ? P     A DA 7  ? ? 130.35 119.70 10.65  1.20 Y 
29  1 OP1   A DA 7  ? ? P     A DA 7  ? ? OP2   A DA 7  ? ? 109.91 119.60 -9.69  1.50 N 
30  1 "C3'" A DA 7  ? ? "C2'" A DA 7  ? ? "C1'" A DA 7  ? ? 94.79  102.40 -7.61  0.80 N 
31  1 "O4'" A DA 7  ? ? "C1'" A DA 7  ? ? N9    A DA 7  ? ? 118.47 108.30 10.17  0.30 N 
32  1 C6    A DA 7  ? ? N1    A DA 7  ? ? C2    A DA 7  ? ? 122.33 118.60 3.73   0.60 N 
33  1 N1    A DA 7  ? ? C2    A DA 7  ? ? N3    A DA 7  ? ? 125.86 129.30 -3.44  0.50 N 
34  1 "C3'" A DA 7  ? ? "O3'" A DA 7  ? ? P     A DA 8  ? ? 135.23 119.70 15.53  1.20 Y 
35  1 OP1   A DA 8  ? ? P     A DA 8  ? ? OP2   A DA 8  ? ? 110.33 119.60 -9.27  1.50 N 
36  1 P     A DA 8  ? ? "O5'" A DA 8  ? ? "C5'" A DA 8  ? ? 133.30 120.90 12.40  1.60 N 
37  1 "O4'" A DA 8  ? ? "C4'" A DA 8  ? ? "C3'" A DA 8  ? ? 100.44 104.50 -4.06  0.40 N 
38  1 "O4'" A DA 8  ? ? "C1'" A DA 8  ? ? N9    A DA 8  ? ? 113.35 108.30 5.05   0.30 N 
39  1 C6    A DA 8  ? ? N1    A DA 8  ? ? C2    A DA 8  ? ? 122.74 118.60 4.14   0.60 N 
40  1 N1    A DA 8  ? ? C2    A DA 8  ? ? N3    A DA 8  ? ? 124.79 129.30 -4.51  0.50 N 
41  1 "C3'" A DA 8  ? ? "O3'" A DA 8  ? ? P     A DC 9  ? ? 127.66 119.70 7.96   1.20 Y 
42  1 "O4'" A DC 9  ? ? "C1'" A DC 9  ? ? N1    A DC 9  ? ? 111.33 108.30 3.03   0.30 N 
43  1 N3    A DC 9  ? ? C4    A DC 9  ? ? N4    A DC 9  ? ? 122.80 118.00 4.80   0.70 N 
44  1 "C3'" A DC 9  ? ? "O3'" A DC 9  ? ? P     A DG 10 ? ? 148.04 119.70 28.34  1.20 Y 
45  1 OP1   A DG 10 ? ? P     A DG 10 ? ? OP2   A DG 10 ? ? 107.74 119.60 -11.86 1.50 N 
46  1 "O4'" A DG 10 ? ? "C1'" A DG 10 ? ? N9    A DG 10 ? ? 112.72 108.30 4.42   0.30 N 
47  1 C6    A DG 10 ? ? N1    A DG 10 ? ? C2    A DG 10 ? ? 120.85 125.10 -4.25  0.60 N 
48  1 C5    A DG 10 ? ? C6    A DG 10 ? ? N1    A DG 10 ? ? 115.10 111.50 3.60   0.50 N 
49  1 OP1   A DC 11 ? ? P     A DC 11 ? ? OP2   A DC 11 ? ? 105.37 119.60 -14.23 1.50 N 
50  1 P     A DC 11 ? ? "O5'" A DC 11 ? ? "C5'" A DC 11 ? ? 131.25 120.90 10.35  1.60 N 
51  1 "O4'" A DC 11 ? ? "C1'" A DC 11 ? ? N1    A DC 11 ? ? 110.78 108.30 2.48   0.30 N 
52  1 N3    A DC 11 ? ? C4    A DC 11 ? ? C5    A DC 11 ? ? 119.43 121.90 -2.47  0.40 N 
53  1 C5    A DC 11 ? ? C6    A DC 11 ? ? N1    A DC 11 ? ? 124.22 121.00 3.22   0.50 N 
54  1 "C3'" A DC 11 ? ? "O3'" A DC 11 ? ? P     A DG 12 ? ? 140.99 119.70 21.29  1.20 Y 
55  1 OP1   A DG 12 ? ? P     A DG 12 ? ? OP2   A DG 12 ? ? 108.62 119.60 -10.98 1.50 N 
56  1 "O4'" A DG 12 ? ? "C1'" A DG 12 ? ? N9    A DG 12 ? ? 112.79 108.30 4.49   0.30 N 
57  1 C5    A DG 12 ? ? C6    A DG 12 ? ? N1    A DG 12 ? ? 114.64 111.50 3.14   0.50 N 
58  1 C5    A DG 12 ? ? C6    A DG 12 ? ? O6    A DG 12 ? ? 124.01 128.60 -4.59  0.60 N 
59  1 "O4'" B DC 13 ? ? "C4'" B DC 13 ? ? "C3'" B DC 13 ? ? 99.07  104.50 -5.43  0.40 N 
60  1 "C4'" B DC 13 ? ? "C3'" B DC 13 ? ? "C2'" B DC 13 ? ? 97.31  102.20 -4.89  0.70 N 
61  1 "C3'" B DC 13 ? ? "O3'" B DC 13 ? ? P     B DG 14 ? ? 127.53 119.70 7.83   1.20 Y 
62  1 OP1   B DG 14 ? ? P     B DG 14 ? ? OP2   B DG 14 ? ? 108.16 119.60 -11.44 1.50 N 
63  1 "O4'" B DG 14 ? ? "C1'" B DG 14 ? ? N9    B DG 14 ? ? 115.02 108.30 6.72   0.30 N 
64  1 C5    B DG 14 ? ? C6    B DG 14 ? ? N1    B DG 14 ? ? 114.60 111.50 3.10   0.50 N 
65  1 C5    B DG 14 ? ? C6    B DG 14 ? ? O6    B DG 14 ? ? 124.85 128.60 -3.75  0.60 N 
66  1 "C3'" B DG 14 ? ? "O3'" B DG 14 ? ? P     B DC 15 ? ? 136.30 119.70 16.60  1.20 Y 
67  1 "O4'" B DC 15 ? ? "C1'" B DC 15 ? ? N1    B DC 15 ? ? 114.12 108.30 5.82   0.30 N 
68  1 N3    B DC 15 ? ? C4    B DC 15 ? ? C5    B DC 15 ? ? 119.48 121.90 -2.42  0.40 N 
69  1 C5    B DC 15 ? ? C6    B DC 15 ? ? N1    B DC 15 ? ? 124.72 121.00 3.72   0.50 N 
70  1 OP1   B DG 16 ? ? P     B DG 16 ? ? OP2   B DG 16 ? ? 109.06 119.60 -10.54 1.50 N 
71  1 "O5'" B DG 16 ? ? "C5'" B DG 16 ? ? "C4'" B DG 16 ? ? 102.44 109.40 -6.96  0.80 N 
72  1 "O4'" B DG 16 ? ? "C1'" B DG 16 ? ? N9    B DG 16 ? ? 112.63 108.30 4.33   0.30 N 
73  1 "C3'" B DG 16 ? ? "O3'" B DG 16 ? ? P     B DT 17 ? ? 129.24 119.70 9.54   1.20 Y 
74  1 P     B DT 17 ? ? "O5'" B DT 17 ? ? "C5'" B DT 17 ? ? 111.25 120.90 -9.65  1.60 N 
75  1 "O4'" B DT 17 ? ? "C1'" B DT 17 ? ? N1    B DT 17 ? ? 113.35 108.30 5.05   0.30 N 
76  1 C2    B DT 17 ? ? N3    B DT 17 ? ? C4    B DT 17 ? ? 122.84 127.20 -4.36  0.60 N 
77  1 N3    B DT 17 ? ? C4    B DT 17 ? ? C5    B DT 17 ? ? 118.82 115.20 3.62   0.60 N 
78  1 N3    B DT 17 ? ? C2    B DT 17 ? ? O2    B DT 17 ? ? 117.82 122.30 -4.48  0.60 N 
79  1 N3    B DT 17 ? ? C4    B DT 17 ? ? O4    B DT 17 ? ? 115.29 119.90 -4.61  0.60 N 
80  1 "C3'" B DT 17 ? ? "O3'" B DT 17 ? ? P     B DT 18 ? ? 131.31 119.70 11.61  1.20 Y 
81  1 OP1   B DT 18 ? ? P     B DT 18 ? ? OP2   B DT 18 ? ? 110.29 119.60 -9.31  1.50 N 
82  1 "O4'" B DT 18 ? ? "C1'" B DT 18 ? ? N1    B DT 18 ? ? 116.85 108.30 8.55   0.30 N 
83  1 C2    B DT 18 ? ? N3    B DT 18 ? ? C4    B DT 18 ? ? 123.00 127.20 -4.20  0.60 N 
84  1 N3    B DT 18 ? ? C2    B DT 18 ? ? O2    B DT 18 ? ? 117.87 122.30 -4.43  0.60 N 
85  1 N3    B DT 18 ? ? C4    B DT 18 ? ? O4    B DT 18 ? ? 115.68 119.90 -4.22  0.60 N 
86  1 "O4'" C DT 19 ? ? "C1'" C DT 19 ? ? N1    C DT 19 ? ? 114.26 108.30 5.96   0.30 N 
87  1 C2    C DT 19 ? ? N3    C DT 19 ? ? C4    C DT 19 ? ? 122.78 127.20 -4.42  0.60 N 
88  1 N3    C DT 19 ? ? C2    C DT 19 ? ? O2    C DT 19 ? ? 117.02 122.30 -5.28  0.60 N 
89  1 N3    C DT 19 ? ? C4    C DT 19 ? ? O4    C DT 19 ? ? 115.33 119.90 -4.57  0.60 N 
90  1 "C3'" C DT 19 ? ? "O3'" C DT 19 ? ? P     C DT 20 ? ? 129.70 119.70 10.00  1.20 Y 
91  1 OP1   C DT 20 ? ? P     C DT 20 ? ? OP2   C DT 20 ? ? 108.19 119.60 -11.41 1.50 N 
92  1 "O5'" C DT 20 ? ? "C5'" C DT 20 ? ? "C4'" C DT 20 ? ? 104.15 109.40 -5.25  0.80 N 
93  1 "O4'" C DT 20 ? ? "C1'" C DT 20 ? ? N1    C DT 20 ? ? 125.61 108.30 17.31  0.30 N 
94  1 C2    C DT 20 ? ? N3    C DT 20 ? ? C4    C DT 20 ? ? 123.40 127.20 -3.80  0.60 N 
95  1 OP1   C DC 21 ? ? P     C DC 21 ? ? OP2   C DC 21 ? ? 108.35 119.60 -11.25 1.50 N 
96  1 "O4'" C DC 21 ? ? "C1'" C DC 21 ? ? N1    C DC 21 ? ? 112.37 108.30 4.07   0.30 N 
97  1 "C3'" C DC 21 ? ? "O3'" C DC 21 ? ? P     C DG 22 ? ? 144.16 119.70 24.46  1.20 Y 
98  1 OP1   C DG 22 ? ? P     C DG 22 ? ? OP2   C DG 22 ? ? 106.38 119.60 -13.22 1.50 N 
99  1 "C1'" C DG 22 ? ? "O4'" C DG 22 ? ? "C4'" C DG 22 ? ? 103.97 110.10 -6.13  1.00 N 
100 1 "C3'" C DG 22 ? ? "O3'" C DG 22 ? ? P     C DC 23 ? ? 150.88 119.70 31.18  1.20 Y 
101 1 OP1   C DC 23 ? ? P     C DC 23 ? ? OP2   C DC 23 ? ? 105.90 119.60 -13.70 1.50 N 
102 1 "O4'" C DC 23 ? ? "C1'" C DC 23 ? ? N1    C DC 23 ? ? 112.02 108.30 3.72   0.30 N 
103 1 "C3'" C DC 23 ? ? "O3'" C DC 23 ? ? P     C DG 24 ? ? 128.92 119.70 9.22   1.20 Y 
104 1 OP1   C DG 24 ? ? P     C DG 24 ? ? OP2   C DG 24 ? ? 108.88 119.60 -10.72 1.50 N 
105 1 "O4'" C DG 24 ? ? "C1'" C DG 24 ? ? N9    C DG 24 ? ? 112.77 108.30 4.47   0.30 N 
# 
loop_
_refine_B_iso.class 
_refine_B_iso.details 
_refine_B_iso.treatment 
_refine_B_iso.pdbx_refine_id 
'ALL ATOMS'  TR isotropic 'X-RAY DIFFRACTION' 
'ALL WATERS' TR isotropic 'X-RAY DIFFRACTION' 
# 
loop_
_refine_occupancy.class 
_refine_occupancy.treatment 
_refine_occupancy.pdbx_refine_id 
'ALL ATOMS'  fix 'X-RAY DIFFRACTION' 
'ALL WATERS' fix 'X-RAY DIFFRACTION' 
# 
loop_
_chem_comp_atom.comp_id 
_chem_comp_atom.atom_id 
_chem_comp_atom.type_symbol 
_chem_comp_atom.pdbx_aromatic_flag 
_chem_comp_atom.pdbx_stereo_config 
_chem_comp_atom.pdbx_ordinal 
DA  OP3    O N N 1   
DA  P      P N N 2   
DA  OP1    O N N 3   
DA  OP2    O N N 4   
DA  "O5'"  O N N 5   
DA  "C5'"  C N N 6   
DA  "C4'"  C N R 7   
DA  "O4'"  O N N 8   
DA  "C3'"  C N S 9   
DA  "O3'"  O N N 10  
DA  "C2'"  C N N 11  
DA  "C1'"  C N R 12  
DA  N9     N Y N 13  
DA  C8     C Y N 14  
DA  N7     N Y N 15  
DA  C5     C Y N 16  
DA  C6     C Y N 17  
DA  N6     N N N 18  
DA  N1     N Y N 19  
DA  C2     C Y N 20  
DA  N3     N Y N 21  
DA  C4     C Y N 22  
DA  HOP3   H N N 23  
DA  HOP2   H N N 24  
DA  "H5'"  H N N 25  
DA  "H5''" H N N 26  
DA  "H4'"  H N N 27  
DA  "H3'"  H N N 28  
DA  "HO3'" H N N 29  
DA  "H2'"  H N N 30  
DA  "H2''" H N N 31  
DA  "H1'"  H N N 32  
DA  H8     H N N 33  
DA  H61    H N N 34  
DA  H62    H N N 35  
DA  H2     H N N 36  
DC  OP3    O N N 37  
DC  P      P N N 38  
DC  OP1    O N N 39  
DC  OP2    O N N 40  
DC  "O5'"  O N N 41  
DC  "C5'"  C N N 42  
DC  "C4'"  C N R 43  
DC  "O4'"  O N N 44  
DC  "C3'"  C N S 45  
DC  "O3'"  O N N 46  
DC  "C2'"  C N N 47  
DC  "C1'"  C N R 48  
DC  N1     N N N 49  
DC  C2     C N N 50  
DC  O2     O N N 51  
DC  N3     N N N 52  
DC  C4     C N N 53  
DC  N4     N N N 54  
DC  C5     C N N 55  
DC  C6     C N N 56  
DC  HOP3   H N N 57  
DC  HOP2   H N N 58  
DC  "H5'"  H N N 59  
DC  "H5''" H N N 60  
DC  "H4'"  H N N 61  
DC  "H3'"  H N N 62  
DC  "HO3'" H N N 63  
DC  "H2'"  H N N 64  
DC  "H2''" H N N 65  
DC  "H1'"  H N N 66  
DC  H41    H N N 67  
DC  H42    H N N 68  
DC  H5     H N N 69  
DC  H6     H N N 70  
DG  OP3    O N N 71  
DG  P      P N N 72  
DG  OP1    O N N 73  
DG  OP2    O N N 74  
DG  "O5'"  O N N 75  
DG  "C5'"  C N N 76  
DG  "C4'"  C N R 77  
DG  "O4'"  O N N 78  
DG  "C3'"  C N S 79  
DG  "O3'"  O N N 80  
DG  "C2'"  C N N 81  
DG  "C1'"  C N R 82  
DG  N9     N Y N 83  
DG  C8     C Y N 84  
DG  N7     N Y N 85  
DG  C5     C Y N 86  
DG  C6     C N N 87  
DG  O6     O N N 88  
DG  N1     N N N 89  
DG  C2     C N N 90  
DG  N2     N N N 91  
DG  N3     N N N 92  
DG  C4     C Y N 93  
DG  HOP3   H N N 94  
DG  HOP2   H N N 95  
DG  "H5'"  H N N 96  
DG  "H5''" H N N 97  
DG  "H4'"  H N N 98  
DG  "H3'"  H N N 99  
DG  "HO3'" H N N 100 
DG  "H2'"  H N N 101 
DG  "H2''" H N N 102 
DG  "H1'"  H N N 103 
DG  H8     H N N 104 
DG  H1     H N N 105 
DG  H21    H N N 106 
DG  H22    H N N 107 
DT  OP3    O N N 108 
DT  P      P N N 109 
DT  OP1    O N N 110 
DT  OP2    O N N 111 
DT  "O5'"  O N N 112 
DT  "C5'"  C N N 113 
DT  "C4'"  C N R 114 
DT  "O4'"  O N N 115 
DT  "C3'"  C N S 116 
DT  "O3'"  O N N 117 
DT  "C2'"  C N N 118 
DT  "C1'"  C N R 119 
DT  N1     N N N 120 
DT  C2     C N N 121 
DT  O2     O N N 122 
DT  N3     N N N 123 
DT  C4     C N N 124 
DT  O4     O N N 125 
DT  C5     C N N 126 
DT  C7     C N N 127 
DT  C6     C N N 128 
DT  HOP3   H N N 129 
DT  HOP2   H N N 130 
DT  "H5'"  H N N 131 
DT  "H5''" H N N 132 
DT  "H4'"  H N N 133 
DT  "H3'"  H N N 134 
DT  "HO3'" H N N 135 
DT  "H2'"  H N N 136 
DT  "H2''" H N N 137 
DT  "H1'"  H N N 138 
DT  H3     H N N 139 
DT  H71    H N N 140 
DT  H72    H N N 141 
DT  H73    H N N 142 
DT  H6     H N N 143 
HOH O      O N N 144 
HOH H1     H N N 145 
HOH H2     H N N 146 
# 
loop_
_chem_comp_bond.comp_id 
_chem_comp_bond.atom_id_1 
_chem_comp_bond.atom_id_2 
_chem_comp_bond.value_order 
_chem_comp_bond.pdbx_aromatic_flag 
_chem_comp_bond.pdbx_stereo_config 
_chem_comp_bond.pdbx_ordinal 
DA  OP3   P      sing N N 1   
DA  OP3   HOP3   sing N N 2   
DA  P     OP1    doub N N 3   
DA  P     OP2    sing N N 4   
DA  P     "O5'"  sing N N 5   
DA  OP2   HOP2   sing N N 6   
DA  "O5'" "C5'"  sing N N 7   
DA  "C5'" "C4'"  sing N N 8   
DA  "C5'" "H5'"  sing N N 9   
DA  "C5'" "H5''" sing N N 10  
DA  "C4'" "O4'"  sing N N 11  
DA  "C4'" "C3'"  sing N N 12  
DA  "C4'" "H4'"  sing N N 13  
DA  "O4'" "C1'"  sing N N 14  
DA  "C3'" "O3'"  sing N N 15  
DA  "C3'" "C2'"  sing N N 16  
DA  "C3'" "H3'"  sing N N 17  
DA  "O3'" "HO3'" sing N N 18  
DA  "C2'" "C1'"  sing N N 19  
DA  "C2'" "H2'"  sing N N 20  
DA  "C2'" "H2''" sing N N 21  
DA  "C1'" N9     sing N N 22  
DA  "C1'" "H1'"  sing N N 23  
DA  N9    C8     sing Y N 24  
DA  N9    C4     sing Y N 25  
DA  C8    N7     doub Y N 26  
DA  C8    H8     sing N N 27  
DA  N7    C5     sing Y N 28  
DA  C5    C6     sing Y N 29  
DA  C5    C4     doub Y N 30  
DA  C6    N6     sing N N 31  
DA  C6    N1     doub Y N 32  
DA  N6    H61    sing N N 33  
DA  N6    H62    sing N N 34  
DA  N1    C2     sing Y N 35  
DA  C2    N3     doub Y N 36  
DA  C2    H2     sing N N 37  
DA  N3    C4     sing Y N 38  
DC  OP3   P      sing N N 39  
DC  OP3   HOP3   sing N N 40  
DC  P     OP1    doub N N 41  
DC  P     OP2    sing N N 42  
DC  P     "O5'"  sing N N 43  
DC  OP2   HOP2   sing N N 44  
DC  "O5'" "C5'"  sing N N 45  
DC  "C5'" "C4'"  sing N N 46  
DC  "C5'" "H5'"  sing N N 47  
DC  "C5'" "H5''" sing N N 48  
DC  "C4'" "O4'"  sing N N 49  
DC  "C4'" "C3'"  sing N N 50  
DC  "C4'" "H4'"  sing N N 51  
DC  "O4'" "C1'"  sing N N 52  
DC  "C3'" "O3'"  sing N N 53  
DC  "C3'" "C2'"  sing N N 54  
DC  "C3'" "H3'"  sing N N 55  
DC  "O3'" "HO3'" sing N N 56  
DC  "C2'" "C1'"  sing N N 57  
DC  "C2'" "H2'"  sing N N 58  
DC  "C2'" "H2''" sing N N 59  
DC  "C1'" N1     sing N N 60  
DC  "C1'" "H1'"  sing N N 61  
DC  N1    C2     sing N N 62  
DC  N1    C6     sing N N 63  
DC  C2    O2     doub N N 64  
DC  C2    N3     sing N N 65  
DC  N3    C4     doub N N 66  
DC  C4    N4     sing N N 67  
DC  C4    C5     sing N N 68  
DC  N4    H41    sing N N 69  
DC  N4    H42    sing N N 70  
DC  C5    C6     doub N N 71  
DC  C5    H5     sing N N 72  
DC  C6    H6     sing N N 73  
DG  OP3   P      sing N N 74  
DG  OP3   HOP3   sing N N 75  
DG  P     OP1    doub N N 76  
DG  P     OP2    sing N N 77  
DG  P     "O5'"  sing N N 78  
DG  OP2   HOP2   sing N N 79  
DG  "O5'" "C5'"  sing N N 80  
DG  "C5'" "C4'"  sing N N 81  
DG  "C5'" "H5'"  sing N N 82  
DG  "C5'" "H5''" sing N N 83  
DG  "C4'" "O4'"  sing N N 84  
DG  "C4'" "C3'"  sing N N 85  
DG  "C4'" "H4'"  sing N N 86  
DG  "O4'" "C1'"  sing N N 87  
DG  "C3'" "O3'"  sing N N 88  
DG  "C3'" "C2'"  sing N N 89  
DG  "C3'" "H3'"  sing N N 90  
DG  "O3'" "HO3'" sing N N 91  
DG  "C2'" "C1'"  sing N N 92  
DG  "C2'" "H2'"  sing N N 93  
DG  "C2'" "H2''" sing N N 94  
DG  "C1'" N9     sing N N 95  
DG  "C1'" "H1'"  sing N N 96  
DG  N9    C8     sing Y N 97  
DG  N9    C4     sing Y N 98  
DG  C8    N7     doub Y N 99  
DG  C8    H8     sing N N 100 
DG  N7    C5     sing Y N 101 
DG  C5    C6     sing N N 102 
DG  C5    C4     doub Y N 103 
DG  C6    O6     doub N N 104 
DG  C6    N1     sing N N 105 
DG  N1    C2     sing N N 106 
DG  N1    H1     sing N N 107 
DG  C2    N2     sing N N 108 
DG  C2    N3     doub N N 109 
DG  N2    H21    sing N N 110 
DG  N2    H22    sing N N 111 
DG  N3    C4     sing N N 112 
DT  OP3   P      sing N N 113 
DT  OP3   HOP3   sing N N 114 
DT  P     OP1    doub N N 115 
DT  P     OP2    sing N N 116 
DT  P     "O5'"  sing N N 117 
DT  OP2   HOP2   sing N N 118 
DT  "O5'" "C5'"  sing N N 119 
DT  "C5'" "C4'"  sing N N 120 
DT  "C5'" "H5'"  sing N N 121 
DT  "C5'" "H5''" sing N N 122 
DT  "C4'" "O4'"  sing N N 123 
DT  "C4'" "C3'"  sing N N 124 
DT  "C4'" "H4'"  sing N N 125 
DT  "O4'" "C1'"  sing N N 126 
DT  "C3'" "O3'"  sing N N 127 
DT  "C3'" "C2'"  sing N N 128 
DT  "C3'" "H3'"  sing N N 129 
DT  "O3'" "HO3'" sing N N 130 
DT  "C2'" "C1'"  sing N N 131 
DT  "C2'" "H2'"  sing N N 132 
DT  "C2'" "H2''" sing N N 133 
DT  "C1'" N1     sing N N 134 
DT  "C1'" "H1'"  sing N N 135 
DT  N1    C2     sing N N 136 
DT  N1    C6     sing N N 137 
DT  C2    O2     doub N N 138 
DT  C2    N3     sing N N 139 
DT  N3    C4     sing N N 140 
DT  N3    H3     sing N N 141 
DT  C4    O4     doub N N 142 
DT  C4    C5     sing N N 143 
DT  C5    C7     sing N N 144 
DT  C5    C6     doub N N 145 
DT  C7    H71    sing N N 146 
DT  C7    H72    sing N N 147 
DT  C7    H73    sing N N 148 
DT  C6    H6     sing N N 149 
HOH O     H1     sing N N 150 
HOH O     H2     sing N N 151 
# 
loop_
_ndb_struct_conf_na.entry_id 
_ndb_struct_conf_na.feature 
1NDN 'double helix'        
1NDN 'b-form double helix' 
# 
loop_
_ndb_struct_na_base_pair.model_number 
_ndb_struct_na_base_pair.i_label_asym_id 
_ndb_struct_na_base_pair.i_label_comp_id 
_ndb_struct_na_base_pair.i_label_seq_id 
_ndb_struct_na_base_pair.i_symmetry 
_ndb_struct_na_base_pair.j_label_asym_id 
_ndb_struct_na_base_pair.j_label_comp_id 
_ndb_struct_na_base_pair.j_label_seq_id 
_ndb_struct_na_base_pair.j_symmetry 
_ndb_struct_na_base_pair.shear 
_ndb_struct_na_base_pair.stretch 
_ndb_struct_na_base_pair.stagger 
_ndb_struct_na_base_pair.buckle 
_ndb_struct_na_base_pair.propeller 
_ndb_struct_na_base_pair.opening 
_ndb_struct_na_base_pair.pair_number 
_ndb_struct_na_base_pair.pair_name 
_ndb_struct_na_base_pair.i_auth_asym_id 
_ndb_struct_na_base_pair.i_auth_seq_id 
_ndb_struct_na_base_pair.i_PDB_ins_code 
_ndb_struct_na_base_pair.j_auth_asym_id 
_ndb_struct_na_base_pair.j_auth_seq_id 
_ndb_struct_na_base_pair.j_PDB_ins_code 
_ndb_struct_na_base_pair.hbond_type_28 
_ndb_struct_na_base_pair.hbond_type_12 
1 A DC 1  1_555 C DG 6 1_555 0.028  -0.104 -0.233 -8.690  -0.583  -1.317 1  A_DC1:DG24_C  A 1  ? C 24 ? 19 1 
1 A DG 2  1_555 C DC 5 1_555 -0.037 -0.125 -0.196 -9.210  -0.057  -2.823 2  A_DG2:DC23_C  A 2  ? C 23 ? 19 1 
1 A DC 3  1_555 C DG 4 1_555 -0.016 -0.104 0.457  -12.061 -5.356  -5.990 3  A_DC3:DG22_C  A 3  ? C 22 ? 19 1 
1 A DG 4  1_555 C DC 3 1_555 -0.079 -0.089 0.510  13.062  -5.646  -4.742 4  A_DG4:DC21_C  A 4  ? C 21 ? 19 1 
1 A DA 5  1_555 C DT 2 1_555 0.472  -0.102 0.325  13.723  -27.390 -6.492 5  A_DA5:DT20_C  A 5  ? C 20 ? 20 1 
1 A DA 6  1_555 C DT 1 1_555 0.481  -0.212 -1.022 -1.884  2.523   -5.836 6  A_DA6:DT19_C  A 6  ? C 19 ? 20 1 
1 A DA 7  1_555 B DT 6 1_555 0.378  -0.052 -0.030 11.274  5.281   -2.732 7  A_DA7:DT18_B  A 7  ? B 18 ? 20 1 
1 A DA 8  1_555 B DT 5 1_555 0.387  -0.119 -0.551 -2.184  -4.808  -3.273 8  A_DA8:DT17_B  A 8  ? B 17 ? 20 1 
1 A DC 9  1_555 B DG 4 1_555 -0.016 -0.021 0.126  -23.520 -9.178  -2.698 9  A_DC9:DG16_B  A 9  ? B 16 ? 19 1 
1 A DG 10 1_555 B DC 3 1_555 -0.061 -0.092 -1.274 -23.987 -7.475  -1.257 10 A_DG10:DC15_B A 10 ? B 15 ? 19 1 
1 A DC 11 1_555 B DG 2 1_555 0.125  -0.170 -0.678 5.789   -15.520 0.789  11 A_DC11:DG14_B A 11 ? B 14 ? 19 1 
1 A DG 12 1_555 B DC 1 1_555 -0.109 -0.021 -0.572 -21.023 -7.616  -2.307 12 A_DG12:DC13_B A 12 ? B 13 ? 19 1 
# 
loop_
_ndb_struct_na_base_pair_step.model_number 
_ndb_struct_na_base_pair_step.i_label_asym_id_1 
_ndb_struct_na_base_pair_step.i_label_comp_id_1 
_ndb_struct_na_base_pair_step.i_label_seq_id_1 
_ndb_struct_na_base_pair_step.i_symmetry_1 
_ndb_struct_na_base_pair_step.j_label_asym_id_1 
_ndb_struct_na_base_pair_step.j_label_comp_id_1 
_ndb_struct_na_base_pair_step.j_label_seq_id_1 
_ndb_struct_na_base_pair_step.j_symmetry_1 
_ndb_struct_na_base_pair_step.i_label_asym_id_2 
_ndb_struct_na_base_pair_step.i_label_comp_id_2 
_ndb_struct_na_base_pair_step.i_label_seq_id_2 
_ndb_struct_na_base_pair_step.i_symmetry_2 
_ndb_struct_na_base_pair_step.j_label_asym_id_2 
_ndb_struct_na_base_pair_step.j_label_comp_id_2 
_ndb_struct_na_base_pair_step.j_label_seq_id_2 
_ndb_struct_na_base_pair_step.j_symmetry_2 
_ndb_struct_na_base_pair_step.shift 
_ndb_struct_na_base_pair_step.slide 
_ndb_struct_na_base_pair_step.rise 
_ndb_struct_na_base_pair_step.tilt 
_ndb_struct_na_base_pair_step.roll 
_ndb_struct_na_base_pair_step.twist 
_ndb_struct_na_base_pair_step.x_displacement 
_ndb_struct_na_base_pair_step.y_displacement 
_ndb_struct_na_base_pair_step.helical_rise 
_ndb_struct_na_base_pair_step.inclination 
_ndb_struct_na_base_pair_step.tip 
_ndb_struct_na_base_pair_step.helical_twist 
_ndb_struct_na_base_pair_step.step_number 
_ndb_struct_na_base_pair_step.step_name 
_ndb_struct_na_base_pair_step.i_auth_asym_id_1 
_ndb_struct_na_base_pair_step.i_auth_seq_id_1 
_ndb_struct_na_base_pair_step.i_PDB_ins_code_1 
_ndb_struct_na_base_pair_step.j_auth_asym_id_1 
_ndb_struct_na_base_pair_step.j_auth_seq_id_1 
_ndb_struct_na_base_pair_step.j_PDB_ins_code_1 
_ndb_struct_na_base_pair_step.i_auth_asym_id_2 
_ndb_struct_na_base_pair_step.i_auth_seq_id_2 
_ndb_struct_na_base_pair_step.i_PDB_ins_code_2 
_ndb_struct_na_base_pair_step.j_auth_asym_id_2 
_ndb_struct_na_base_pair_step.j_auth_seq_id_2 
_ndb_struct_na_base_pair_step.j_PDB_ins_code_2 
1 A DC 1  1_555 C DG 6 1_555 A DG 2  1_555 C DC 5 1_555 -1.157 0.147  4.297 -10.351 -18.384 38.149 2.627  0.197  4.003 -25.859 
14.559  43.403 1  AA_DC1DG2:DC23DG24_CC   A 1  ? C 24 ? A 2  ? C 23 ? 
1 A DG 2  1_555 C DC 5 1_555 A DC 3  1_555 C DG 4 1_555 -0.452 0.692  3.134 -8.158  -1.020  36.559 1.207  -0.336 3.139 -1.602  
12.807  37.441 2  AA_DG2DC3:DG22DC23_CC   A 2  ? C 23 ? A 3  ? C 22 ? 
1 A DC 3  1_555 C DG 4 1_555 A DG 4  1_555 C DC 3 1_555 0.225  0.355  2.423 -0.218  -7.920  28.931 1.873  -0.468 2.247 -15.490 
0.427   29.974 3  AA_DC3DG4:DC21DG22_CC   A 3  ? C 22 ? A 4  ? C 21 ? 
1 A DG 4  1_555 C DC 3 1_555 A DA 5  1_555 C DT 2 1_555 -0.433 -1.022 3.191 -7.850  11.958  36.683 -2.867 -0.240 2.771 18.174  
11.930  39.284 4  AA_DG4DA5:DT20DC21_CC   A 4  ? C 21 ? A 5  ? C 20 ? 
1 A DA 5  1_555 C DT 2 1_555 A DA 6  1_555 C DT 1 1_555 -0.481 0.033  3.831 0.299   -10.028 37.215 1.508  0.773  3.696 -15.374 
-0.458  38.497 5  AA_DA5DA6:DT19DT20_CC   A 5  ? C 20 ? A 6  ? C 19 ? 
1 A DA 6  1_555 C DT 1 1_555 A DA 7  1_555 B DT 6 1_555 -0.845 -1.056 2.437 -11.311 4.034   38.933 -1.863 0.255  2.462 5.885   
16.499  40.675 6  AA_DA6DA7:DT18DT19_BC   A 6  ? C 19 ? A 7  ? B 18 ? 
1 A DA 7  1_555 B DT 6 1_555 A DA 8  1_555 B DT 5 1_555 -1.409 -1.279 3.599 -9.331  7.666   39.023 -2.779 0.873  3.529 11.156  
13.578  40.779 7  AA_DA7DA8:DT17DT18_BB   A 7  ? B 18 ? A 8  ? B 17 ? 
1 A DA 8  1_555 B DT 5 1_555 A DC 9  1_555 B DG 4 1_555 -0.585 0.009  3.533 -6.172  -16.264 33.823 2.308  0.029  3.252 -25.935 
9.843   37.918 8  AA_DA8DC9:DG16DT17_BB   A 8  ? B 17 ? A 9  ? B 16 ? 
1 A DC 9  1_555 B DG 4 1_555 A DG 10 1_555 B DC 3 1_555 0.232  1.282  3.757 13.838  8.315   27.424 0.472  2.691  3.685 15.912  
-26.479 31.745 9  AA_DC9DG10:DC15DG16_BB  A 9  ? B 16 ? A 10 ? B 15 ? 
1 A DG 10 1_555 B DC 3 1_555 A DC 11 1_555 B DG 2 1_555 -0.885 0.004  2.372 -13.138 -1.942  34.621 0.209  0.023  2.528 -3.125  
21.139  37.008 10 AA_DG10DC11:DG14DC15_BB A 10 ? B 15 ? A 11 ? B 14 ? 
1 A DC 11 1_555 B DG 2 1_555 A DG 12 1_555 B DC 1 1_555 0.431  0.932  4.299 5.915   14.351  34.429 -1.139 0.397  4.351 22.861  
-9.423  37.669 11 AA_DC11DG12:DC13DG14_BB A 11 ? B 14 ? A 12 ? B 13 ? 
# 
_atom_sites.entry_id                    1NDN 
_atom_sites.fract_transf_matrix[1][1]   -0.03400562 
_atom_sites.fract_transf_matrix[1][2]   -0.00478507 
_atom_sites.fract_transf_matrix[1][3]   0.01735290 
_atom_sites.fract_transf_matrix[2][1]   0.00876667 
_atom_sites.fract_transf_matrix[2][2]   -0.01677424 
_atom_sites.fract_transf_matrix[2][3]   0.01255410 
_atom_sites.fract_transf_matrix[3][1]   0.00396821 
_atom_sites.fract_transf_matrix[3][2]   0.00994651 
_atom_sites.fract_transf_matrix[3][3]   0.01051905 
_atom_sites.fract_transf_vector[1]      0.591276 
_atom_sites.fract_transf_vector[2]      0.537423 
_atom_sites.fract_transf_vector[3]      0.232220 
# 
loop_
_atom_type.symbol 
C 
N 
O 
P 
# 
loop_
_atom_site.group_PDB 
_atom_site.id 
_atom_site.type_symbol 
_atom_site.label_atom_id 
_atom_site.label_alt_id 
_atom_site.label_comp_id 
_atom_site.label_asym_id 
_atom_site.label_entity_id 
_atom_site.label_seq_id 
_atom_site.pdbx_PDB_ins_code 
_atom_site.Cartn_x 
_atom_site.Cartn_y 
_atom_site.Cartn_z 
_atom_site.occupancy 
_atom_site.B_iso_or_equiv 
_atom_site.pdbx_formal_charge 
_atom_site.auth_seq_id 
_atom_site.auth_comp_id 
_atom_site.auth_asym_id 
_atom_site.auth_atom_id 
_atom_site.pdbx_PDB_model_num 
ATOM   1   O "O5'" . DC  A 1 1  ? -3.162  -4.427  -21.241 1.00 12.00 ? 1  DC  A "O5'" 1 
ATOM   2   C "C5'" . DC  A 1 1  ? -2.442  -3.574  -20.333 1.00 10.00 ? 1  DC  A "C5'" 1 
ATOM   3   C "C4'" . DC  A 1 1  ? -3.379  -2.808  -19.429 1.00 10.00 ? 1  DC  A "C4'" 1 
ATOM   4   O "O4'" . DC  A 1 1  ? -4.187  -3.698  -18.674 1.00 10.00 ? 1  DC  A "O4'" 1 
ATOM   5   C "C3'" . DC  A 1 1  ? -2.683  -1.944  -18.362 1.00 10.00 ? 1  DC  A "C3'" 1 
ATOM   6   O "O3'" . DC  A 1 1  ? -3.404  -0.839  -17.878 1.00 12.00 ? 1  DC  A "O3'" 1 
ATOM   7   C "C2'" . DC  A 1 1  ? -2.383  -3.005  -17.281 1.00 10.00 ? 1  DC  A "C2'" 1 
ATOM   8   C "C1'" . DC  A 1 1  ? -3.561  -3.940  -17.387 1.00 10.00 ? 1  DC  A "C1'" 1 
ATOM   9   N N1    . DC  A 1 1  ? -3.118  -5.330  -17.324 1.00 8.00  ? 1  DC  A N1    1 
ATOM   10  C C2    . DC  A 1 1  ? -3.851  -6.204  -16.507 1.00 8.00  ? 1  DC  A C2    1 
ATOM   11  O O2    . DC  A 1 1  ? -4.815  -5.759  -15.869 1.00 8.00  ? 1  DC  A O2    1 
ATOM   12  N N3    . DC  A 1 1  ? -3.434  -7.508  -16.438 1.00 8.00  ? 1  DC  A N3    1 
ATOM   13  C C4    . DC  A 1 1  ? -2.357  -7.956  -17.143 1.00 8.00  ? 1  DC  A C4    1 
ATOM   14  N N4    . DC  A 1 1  ? -1.961  -9.234  -17.112 1.00 8.00  ? 1  DC  A N4    1 
ATOM   15  C C5    . DC  A 1 1  ? -1.629  -7.065  -17.966 1.00 8.00  ? 1  DC  A C5    1 
ATOM   16  C C6    . DC  A 1 1  ? -2.036  -5.800  -18.030 1.00 8.00  ? 1  DC  A C6    1 
ATOM   17  P P     . DG  A 1 2  ? -4.886  -0.448  -17.603 1.00 12.00 ? 2  DG  A P     1 
ATOM   18  O OP1   . DG  A 1 2  ? -5.805  -1.021  -18.636 1.00 12.00 ? 2  DG  A OP1   1 
ATOM   19  O OP2   . DG  A 1 2  ? -4.913  1.073   -17.624 1.00 12.00 ? 2  DG  A OP2   1 
ATOM   20  O "O5'" . DG  A 1 2  ? -5.246  -0.950  -16.127 1.00 12.00 ? 2  DG  A "O5'" 1 
ATOM   21  C "C5'" . DG  A 1 2  ? -5.555  -2.314  -15.758 1.00 10.00 ? 2  DG  A "C5'" 1 
ATOM   22  C "C4'" . DG  A 1 2  ? -6.927  -2.288  -15.132 1.00 10.00 ? 2  DG  A "C4'" 1 
ATOM   23  O "O4'" . DG  A 1 2  ? -7.188  -3.407  -14.271 1.00 10.00 ? 2  DG  A "O4'" 1 
ATOM   24  C "C3'" . DG  A 1 2  ? -7.184  -1.087  -14.193 1.00 10.00 ? 2  DG  A "C3'" 1 
ATOM   25  O "O3'" . DG  A 1 2  ? -8.560  -0.855  -14.036 1.00 12.00 ? 2  DG  A "O3'" 1 
ATOM   26  C "C2'" . DG  A 1 2  ? -6.422  -1.587  -12.963 1.00 10.00 ? 2  DG  A "C2'" 1 
ATOM   27  C "C1'" . DG  A 1 2  ? -6.548  -3.071  -13.003 1.00 10.00 ? 2  DG  A "C1'" 1 
ATOM   28  N N9    . DG  A 1 2  ? -5.235  -3.752  -12.997 1.00 8.00  ? 2  DG  A N9    1 
ATOM   29  C C8    . DG  A 1 2  ? -4.089  -3.410  -13.659 1.00 8.00  ? 2  DG  A C8    1 
ATOM   30  N N7    . DG  A 1 2  ? -3.097  -4.220  -13.467 1.00 8.00  ? 2  DG  A N7    1 
ATOM   31  C C5    . DG  A 1 2  ? -3.654  -5.230  -12.681 1.00 8.00  ? 2  DG  A C5    1 
ATOM   32  C C6    . DG  A 1 2  ? -3.087  -6.422  -12.130 1.00 8.00  ? 2  DG  A C6    1 
ATOM   33  O O6    . DG  A 1 2  ? -1.912  -6.775  -12.316 1.00 8.00  ? 2  DG  A O6    1 
ATOM   34  N N1    . DG  A 1 2  ? -3.959  -7.157  -11.373 1.00 8.00  ? 2  DG  A N1    1 
ATOM   35  C C2    . DG  A 1 2  ? -5.237  -6.751  -11.132 1.00 8.00  ? 2  DG  A C2    1 
ATOM   36  N N2    . DG  A 1 2  ? -6.029  -7.547  -10.384 1.00 8.00  ? 2  DG  A N2    1 
ATOM   37  N N3    . DG  A 1 2  ? -5.804  -5.637  -11.590 1.00 8.00  ? 2  DG  A N3    1 
ATOM   38  C C4    . DG  A 1 2  ? -4.964  -4.949  -12.388 1.00 8.00  ? 2  DG  A C4    1 
ATOM   39  P P     . DC  A 1 3  ? -9.322  0.335   -13.334 1.00 12.00 ? 3  DC  A P     1 
ATOM   40  O OP1   . DC  A 1 3  ? -10.099 1.149   -14.332 1.00 12.00 ? 3  DC  A OP1   1 
ATOM   41  O OP2   . DC  A 1 3  ? -8.178  1.250   -12.844 1.00 12.00 ? 3  DC  A OP2   1 
ATOM   42  O "O5'" . DC  A 1 3  ? -10.103 -0.364  -12.112 1.00 12.00 ? 3  DC  A "O5'" 1 
ATOM   43  C "C5'" . DC  A 1 3  ? -9.285  -1.007  -11.090 1.00 10.00 ? 3  DC  A "C5'" 1 
ATOM   44  C "C4'" . DC  A 1 3  ? -9.994  -1.993  -10.214 1.00 10.00 ? 3  DC  A "C4'" 1 
ATOM   45  O "O4'" . DC  A 1 3  ? -9.326  -3.274  -10.233 1.00 10.00 ? 3  DC  A "O4'" 1 
ATOM   46  C "C3'" . DC  A 1 3  ? -10.038 -1.651  -8.732  1.00 10.00 ? 3  DC  A "C3'" 1 
ATOM   47  O "O3'" . DC  A 1 3  ? -11.126 -2.224  -7.981  1.00 12.00 ? 3  DC  A "O3'" 1 
ATOM   48  C "C2'" . DC  A 1 3  ? -8.734  -2.220  -8.211  1.00 10.00 ? 3  DC  A "C2'" 1 
ATOM   49  C "C1'" . DC  A 1 3  ? -8.530  -3.483  -9.054  1.00 10.00 ? 3  DC  A "C1'" 1 
ATOM   50  N N1    . DC  A 1 3  ? -7.087  -3.495  -9.329  1.00 8.00  ? 3  DC  A N1    1 
ATOM   51  C C2    . DC  A 1 3  ? -6.234  -4.430  -8.776  1.00 8.00  ? 3  DC  A C2    1 
ATOM   52  O O2    . DC  A 1 3  ? -6.698  -5.325  -8.040  1.00 8.00  ? 3  DC  A O2    1 
ATOM   53  N N3    . DC  A 1 3  ? -4.883  -4.314  -9.063  1.00 8.00  ? 3  DC  A N3    1 
ATOM   54  C C4    . DC  A 1 3  ? -4.398  -3.336  -9.847  1.00 8.00  ? 3  DC  A C4    1 
ATOM   55  N N4    . DC  A 1 3  ? -3.109  -3.169  -10.158 1.00 8.00  ? 3  DC  A N4    1 
ATOM   56  C C5    . DC  A 1 3  ? -5.290  -2.361  -10.423 1.00 8.00  ? 3  DC  A C5    1 
ATOM   57  C C6    . DC  A 1 3  ? -6.587  -2.473  -10.122 1.00 8.00  ? 3  DC  A C6    1 
ATOM   58  P P     . DG  A 1 4  ? -11.273 -1.472  -6.459  1.00 12.00 ? 4  DG  A P     1 
ATOM   59  O OP1   . DG  A 1 4  ? -11.932 -0.183  -6.698  1.00 12.00 ? 4  DG  A OP1   1 
ATOM   60  O OP2   . DG  A 1 4  ? -9.824  -1.280  -6.131  1.00 12.00 ? 4  DG  A OP2   1 
ATOM   61  O "O5'" . DG  A 1 4  ? -11.987 -2.618  -5.667  1.00 12.00 ? 4  DG  A "O5'" 1 
ATOM   62  C "C5'" . DG  A 1 4  ? -11.797 -4.028  -5.803  1.00 10.00 ? 4  DG  A "C5'" 1 
ATOM   63  C "C4'" . DG  A 1 4  ? -10.689 -4.589  -4.930  1.00 10.00 ? 4  DG  A "C4'" 1 
ATOM   64  O "O4'" . DG  A 1 4  ? -9.455  -4.547  -5.702  1.00 10.00 ? 4  DG  A "O4'" 1 
ATOM   65  C "C3'" . DG  A 1 4  ? -10.394 -3.933  -3.598  1.00 10.00 ? 4  DG  A "C3'" 1 
ATOM   66  O "O3'" . DG  A 1 4  ? -10.124 -4.775  -2.467  1.00 12.00 ? 4  DG  A "O3'" 1 
ATOM   67  C "C2'" . DG  A 1 4  ? -9.124  -3.106  -3.937  1.00 10.00 ? 4  DG  A "C2'" 1 
ATOM   68  C "C1'" . DG  A 1 4  ? -8.397  -4.160  -4.803  1.00 10.00 ? 4  DG  A "C1'" 1 
ATOM   69  N N9    . DG  A 1 4  ? -7.246  -3.513  -5.411  1.00 8.00  ? 4  DG  A N9    1 
ATOM   70  C C8    . DG  A 1 4  ? -7.229  -2.223  -5.905  1.00 8.00  ? 4  DG  A C8    1 
ATOM   71  N N7    . DG  A 1 4  ? -6.094  -1.860  -6.420  1.00 8.00  ? 4  DG  A N7    1 
ATOM   72  C C5    . DG  A 1 4  ? -5.259  -2.966  -6.202  1.00 8.00  ? 4  DG  A C5    1 
ATOM   73  C C6    . DG  A 1 4  ? -3.890  -3.172  -6.525  1.00 8.00  ? 4  DG  A C6    1 
ATOM   74  O O6    . DG  A 1 4  ? -3.156  -2.322  -7.082  1.00 8.00  ? 4  DG  A O6    1 
ATOM   75  N N1    . DG  A 1 4  ? -3.397  -4.399  -6.168  1.00 8.00  ? 4  DG  A N1    1 
ATOM   76  C C2    . DG  A 1 4  ? -4.186  -5.335  -5.546  1.00 8.00  ? 4  DG  A C2    1 
ATOM   77  N N2    . DG  A 1 4  ? -3.575  -6.499  -5.200  1.00 8.00  ? 4  DG  A N2    1 
ATOM   78  N N3    . DG  A 1 4  ? -5.477  -5.175  -5.210  1.00 8.00  ? 4  DG  A N3    1 
ATOM   79  C C4    . DG  A 1 4  ? -5.953  -3.979  -5.582  1.00 8.00  ? 4  DG  A C4    1 
ATOM   80  P P     . DA  A 1 5  ? -9.507  -4.296  -1.061  1.00 12.00 ? 5  DA  A P     1 
ATOM   81  O OP1   . DA  A 1 5  ? -10.528 -3.450  -0.278  1.00 12.00 ? 5  DA  A OP1   1 
ATOM   82  O OP2   . DA  A 1 5  ? -8.310  -3.496  -1.308  1.00 12.00 ? 5  DA  A OP2   1 
ATOM   83  O "O5'" . DA  A 1 5  ? -9.221  -5.665  -0.216  1.00 12.00 ? 5  DA  A "O5'" 1 
ATOM   84  C "C5'" . DA  A 1 5  ? -8.867  -6.875  -0.956  1.00 10.00 ? 5  DA  A "C5'" 1 
ATOM   85  C "C4'" . DA  A 1 5  ? -7.370  -7.070  -0.804  1.00 10.00 ? 5  DA  A "C4'" 1 
ATOM   86  O "O4'" . DA  A 1 5  ? -6.647  -6.420  -1.852  1.00 10.00 ? 5  DA  A "O4'" 1 
ATOM   87  C "C3'" . DA  A 1 5  ? -6.786  -6.545  0.525   1.00 10.00 ? 5  DA  A "C3'" 1 
ATOM   88  O "O3'" . DA  A 1 5  ? -5.873  -7.409  1.139   1.00 12.00 ? 5  DA  A "O3'" 1 
ATOM   89  C "C2'" . DA  A 1 5  ? -6.102  -5.248  0.076   1.00 10.00 ? 5  DA  A "C2'" 1 
ATOM   90  C "C1'" . DA  A 1 5  ? -5.543  -5.684  -1.272  1.00 10.00 ? 5  DA  A "C1'" 1 
ATOM   91  N N9    . DA  A 1 5  ? -5.128  -4.495  -2.011  1.00 8.00  ? 5  DA  A N9    1 
ATOM   92  C C8    . DA  A 1 5  ? -5.930  -3.419  -2.356  1.00 8.00  ? 5  DA  A C8    1 
ATOM   93  N N7    . DA  A 1 5  ? -5.313  -2.478  -3.003  1.00 8.00  ? 5  DA  A N7    1 
ATOM   94  C C5    . DA  A 1 5  ? -4.005  -2.949  -3.089  1.00 8.00  ? 5  DA  A C5    1 
ATOM   95  C C6    . DA  A 1 5  ? -2.851  -2.381  -3.700  1.00 8.00  ? 5  DA  A C6    1 
ATOM   96  N N6    . DA  A 1 5  ? -2.863  -1.204  -4.304  1.00 8.00  ? 5  DA  A N6    1 
ATOM   97  N N1    . DA  A 1 5  ? -1.719  -3.128  -3.602  1.00 8.00  ? 5  DA  A N1    1 
ATOM   98  C C2    . DA  A 1 5  ? -1.660  -4.297  -2.926  1.00 8.00  ? 5  DA  A C2    1 
ATOM   99  N N3    . DA  A 1 5  ? -2.747  -4.913  -2.362  1.00 8.00  ? 5  DA  A N3    1 
ATOM   100 C C4    . DA  A 1 5  ? -3.863  -4.175  -2.468  1.00 8.00  ? 5  DA  A C4    1 
ATOM   101 P P     . DA  A 1 6  ? -5.601  -8.028  2.496   1.00 12.00 ? 6  DA  A P     1 
ATOM   102 O OP1   . DA  A 1 6  ? -5.350  -9.615  2.334   1.00 12.00 ? 6  DA  A OP1   1 
ATOM   103 O OP2   . DA  A 1 6  ? -6.768  -7.895  3.392   1.00 12.00 ? 6  DA  A OP2   1 
ATOM   104 O "O5'" . DA  A 1 6  ? -4.178  -7.465  3.033   1.00 12.00 ? 6  DA  A "O5'" 1 
ATOM   105 C "C5'" . DA  A 1 6  ? -3.149  -8.523  3.171   1.00 10.00 ? 6  DA  A "C5'" 1 
ATOM   106 C "C4'" . DA  A 1 6  ? -1.888  -8.103  2.487   1.00 10.00 ? 6  DA  A "C4'" 1 
ATOM   107 O "O4'" . DA  A 1 6  ? -2.181  -7.197  1.409   1.00 10.00 ? 6  DA  A "O4'" 1 
ATOM   108 C "C3'" . DA  A 1 6  ? -0.869  -7.331  3.341   1.00 10.00 ? 6  DA  A "C3'" 1 
ATOM   109 O "O3'" . DA  A 1 6  ? 0.422   -7.226  2.794   1.00 12.00 ? 6  DA  A "O3'" 1 
ATOM   110 C "C2'" . DA  A 1 6  ? -1.603  -5.944  3.316   1.00 10.00 ? 6  DA  A "C2'" 1 
ATOM   111 C "C1'" . DA  A 1 6  ? -1.627  -5.927  1.778   1.00 10.00 ? 6  DA  A "C1'" 1 
ATOM   112 N N9    . DA  A 1 6  ? -2.285  -4.759  1.225   1.00 8.00  ? 6  DA  A N9    1 
ATOM   113 C C8    . DA  A 1 6  ? -3.596  -4.393  1.165   1.00 8.00  ? 6  DA  A C8    1 
ATOM   114 N N7    . DA  A 1 6  ? -3.817  -3.248  0.546   1.00 8.00  ? 6  DA  A N7    1 
ATOM   115 C C5    . DA  A 1 6  ? -2.542  -2.872  0.127   1.00 8.00  ? 6  DA  A C5    1 
ATOM   116 C C6    . DA  A 1 6  ? -2.100  -1.731  -0.586  1.00 8.00  ? 6  DA  A C6    1 
ATOM   117 N N6    . DA  A 1 6  ? -2.891  -0.777  -1.019  1.00 8.00  ? 6  DA  A N6    1 
ATOM   118 N N1    . DA  A 1 6  ? -0.744  -1.672  -0.793  1.00 8.00  ? 6  DA  A N1    1 
ATOM   119 C C2    . DA  A 1 6  ? 0.106   -2.604  -0.336  1.00 8.00  ? 6  DA  A C2    1 
ATOM   120 N N3    . DA  A 1 6  ? -0.255  -3.719  0.361   1.00 8.00  ? 6  DA  A N3    1 
ATOM   121 C C4    . DA  A 1 6  ? -1.584  -3.759  0.558   1.00 8.00  ? 6  DA  A C4    1 
ATOM   122 P P     . DA  A 1 7  ? 1.826   -7.624  3.401   1.00 12.00 ? 7  DA  A P     1 
ATOM   123 O OP1   . DA  A 1 7  ? 2.091   -8.990  2.777   1.00 12.00 ? 7  DA  A OP1   1 
ATOM   124 O OP2   . DA  A 1 7  ? 1.839   -7.733  4.878   1.00 12.00 ? 7  DA  A OP2   1 
ATOM   125 O "O5'" . DA  A 1 7  ? 2.838   -6.537  2.809   1.00 12.00 ? 7  DA  A "O5'" 1 
ATOM   126 C "C5'" . DA  A 1 7  ? 4.271   -6.651  2.889   1.00 10.00 ? 7  DA  A "C5'" 1 
ATOM   127 C "C4'" . DA  A 1 7  ? 4.831   -5.268  3.215   1.00 10.00 ? 7  DA  A "C4'" 1 
ATOM   128 O "O4'" . DA  A 1 7  ? 4.111   -4.298  2.418   1.00 10.00 ? 7  DA  A "O4'" 1 
ATOM   129 C "C3'" . DA  A 1 7  ? 4.697   -4.812  4.650   1.00 10.00 ? 7  DA  A "C3'" 1 
ATOM   130 O "O3'" . DA  A 1 7  ? 5.530   -3.774  5.113   1.00 12.00 ? 7  DA  A "O3'" 1 
ATOM   131 C "C2'" . DA  A 1 7  ? 3.221   -4.291  4.600   1.00 10.00 ? 7  DA  A "C2'" 1 
ATOM   132 C "C1'" . DA  A 1 7  ? 3.431   -3.428  3.314   1.00 10.00 ? 7  DA  A "C1'" 1 
ATOM   133 N N9    . DA  A 1 7  ? 2.131   -2.905  2.921   1.00 8.00  ? 7  DA  A N9    1 
ATOM   134 C C8    . DA  A 1 7  ? 0.878   -3.430  3.167   1.00 8.00  ? 7  DA  A C8    1 
ATOM   135 N N7    . DA  A 1 7  ? -0.110  -2.675  2.770   1.00 8.00  ? 7  DA  A N7    1 
ATOM   136 C C5    . DA  A 1 7  ? 0.530   -1.540  2.262   1.00 8.00  ? 7  DA  A C5    1 
ATOM   137 C C6    . DA  A 1 7  ? 0.016   -0.352  1.676   1.00 8.00  ? 7  DA  A C6    1 
ATOM   138 N N6    . DA  A 1 7  ? -1.268  -0.092  1.525   1.00 8.00  ? 7  DA  A N6    1 
ATOM   139 N N1    . DA  A 1 7  ? 0.953   0.533   1.256   1.00 8.00  ? 7  DA  A N1    1 
ATOM   140 C C2    . DA  A 1 7  ? 2.276   0.319   1.425   1.00 8.00  ? 7  DA  A C2    1 
ATOM   141 N N3    . DA  A 1 7  ? 2.840   -0.786  1.991   1.00 8.00  ? 7  DA  A N3    1 
ATOM   142 C C4    . DA  A 1 7  ? 1.904   -1.659  2.370   1.00 8.00  ? 7  DA  A C4    1 
ATOM   143 P P     . DA  A 1 8  ? 6.962   -3.291  4.791   1.00 12.00 ? 8  DA  A P     1 
ATOM   144 O OP1   . DA  A 1 8  ? 7.834   -4.567  4.557   1.00 12.00 ? 8  DA  A OP1   1 
ATOM   145 O OP2   . DA  A 1 8  ? 7.436   -2.557  5.990   1.00 12.00 ? 8  DA  A OP2   1 
ATOM   146 O "O5'" . DA  A 1 8  ? 6.991   -2.483  3.445   1.00 12.00 ? 8  DA  A "O5'" 1 
ATOM   147 C "C5'" . DA  A 1 8  ? 6.533   -1.219  3.080   1.00 10.00 ? 8  DA  A "C5'" 1 
ATOM   148 C "C4'" . DA  A 1 8  ? 7.634   -0.197  3.047   1.00 10.00 ? 8  DA  A "C4'" 1 
ATOM   149 O "O4'" . DA  A 1 8  ? 7.087   1.109   2.704   1.00 10.00 ? 8  DA  A "O4'" 1 
ATOM   150 C "C3'" . DA  A 1 8  ? 8.337   0.134   4.361   1.00 10.00 ? 8  DA  A "C3'" 1 
ATOM   151 O "O3'" . DA  A 1 8  ? 9.549   0.836   4.191   1.00 12.00 ? 8  DA  A "O3'" 1 
ATOM   152 C "C2'" . DA  A 1 8  ? 7.242   0.945   5.062   1.00 10.00 ? 8  DA  A "C2'" 1 
ATOM   153 C "C1'" . DA  A 1 8  ? 6.492   1.592   3.925   1.00 10.00 ? 8  DA  A "C1'" 1 
ATOM   154 N N9    . DA  A 1 8  ? 5.054   1.286   4.036   1.00 8.00  ? 8  DA  A N9    1 
ATOM   155 C C8    . DA  A 1 8  ? 4.444   0.092   4.292   1.00 8.00  ? 8  DA  A C8    1 
ATOM   156 N N7    . DA  A 1 8  ? 3.131   0.148   4.287   1.00 8.00  ? 8  DA  A N7    1 
ATOM   157 C C5    . DA  A 1 8  ? 2.865   1.500   4.127   1.00 8.00  ? 8  DA  A C5    1 
ATOM   158 C C6    . DA  A 1 8  ? 1.640   2.204   4.037   1.00 8.00  ? 8  DA  A C6    1 
ATOM   159 N N6    . DA  A 1 8  ? 0.465   1.633   4.174   1.00 8.00  ? 8  DA  A N6    1 
ATOM   160 N N1    . DA  A 1 8  ? 1.760   3.542   3.771   1.00 8.00  ? 8  DA  A N1    1 
ATOM   161 C C2    . DA  A 1 8  ? 2.947   4.153   3.649   1.00 8.00  ? 8  DA  A C2    1 
ATOM   162 N N3    . DA  A 1 8  ? 4.150   3.529   3.720   1.00 8.00  ? 8  DA  A N3    1 
ATOM   163 C C4    . DA  A 1 8  ? 4.029   2.218   3.949   1.00 8.00  ? 8  DA  A C4    1 
ATOM   164 P P     . DC  A 1 9  ? 10.480  1.473   5.329   1.00 12.00 ? 9  DC  A P     1 
ATOM   165 O OP1   . DC  A 1 9  ? 11.861  1.116   5.060   1.00 12.00 ? 9  DC  A OP1   1 
ATOM   166 O OP2   . DC  A 1 9  ? 9.992   0.942   6.652   1.00 12.00 ? 9  DC  A OP2   1 
ATOM   167 O "O5'" . DC  A 1 9  ? 10.104  3.063   5.232   1.00 12.00 ? 9  DC  A "O5'" 1 
ATOM   168 C "C5'" . DC  A 1 9  ? 9.887   3.713   3.967   1.00 10.00 ? 9  DC  A "C5'" 1 
ATOM   169 C "C4'" . DC  A 1 9  ? 9.126   4.991   4.157   1.00 10.00 ? 9  DC  A "C4'" 1 
ATOM   170 O "O4'" . DC  A 1 9  ? 7.765   4.794   3.746   1.00 10.00 ? 9  DC  A "O4'" 1 
ATOM   171 C "C3'" . DC  A 1 9  ? 9.006   5.539   5.587   1.00 10.00 ? 9  DC  A "C3'" 1 
ATOM   172 O "O3'" . DC  A 1 9  ? 10.129  6.124   6.158   1.00 12.00 ? 9  DC  A "O3'" 1 
ATOM   173 C "C2'" . DC  A 1 9  ? 7.816   6.514   5.380   1.00 10.00 ? 9  DC  A "C2'" 1 
ATOM   174 C "C1'" . DC  A 1 9  ? 6.881   5.676   4.546   1.00 10.00 ? 9  DC  A "C1'" 1 
ATOM   175 N N1    . DC  A 1 9  ? 5.949   4.900   5.356   1.00 8.00  ? 9  DC  A N1    1 
ATOM   176 C C2    . DC  A 1 9  ? 4.713   5.451   5.720   1.00 8.00  ? 9  DC  A C2    1 
ATOM   177 O O2    . DC  A 1 9  ? 4.405   6.604   5.355   1.00 8.00  ? 9  DC  A O2    1 
ATOM   178 N N3    . DC  A 1 9  ? 3.843   4.686   6.468   1.00 8.00  ? 9  DC  A N3    1 
ATOM   179 C C4    . DC  A 1 9  ? 4.170   3.448   6.887   1.00 8.00  ? 9  DC  A C4    1 
ATOM   180 N N4    . DC  A 1 9  ? 3.342   2.686   7.626   1.00 8.00  ? 9  DC  A N4    1 
ATOM   181 C C5    . DC  A 1 9  ? 5.435   2.877   6.523   1.00 8.00  ? 9  DC  A C5    1 
ATOM   182 C C6    . DC  A 1 9  ? 6.249   3.634   5.765   1.00 8.00  ? 9  DC  A C6    1 
ATOM   183 P P     . DG  A 1 10 ? 10.954  7.383   6.388   1.00 12.00 ? 10 DG  A P     1 
ATOM   184 O OP1   . DG  A 1 10 ? 10.753  8.438   5.276   1.00 12.00 ? 10 DG  A OP1   1 
ATOM   185 O OP2   . DG  A 1 10 ? 12.387  6.917   6.326   1.00 12.00 ? 10 DG  A OP2   1 
ATOM   186 O "O5'" . DG  A 1 10 ? 10.551  8.070   7.763   1.00 12.00 ? 10 DG  A "O5'" 1 
ATOM   187 C "C5'" . DG  A 1 10 ? 10.621  9.430   8.161   1.00 10.00 ? 10 DG  A "C5'" 1 
ATOM   188 C "C4'" . DG  A 1 10 ? 9.518   10.279  7.548   1.00 10.00 ? 10 DG  A "C4'" 1 
ATOM   189 O "O4'" . DG  A 1 10 ? 8.422   9.454   7.172   1.00 10.00 ? 10 DG  A "O4'" 1 
ATOM   190 C "C3'" . DG  A 1 10 ? 8.886   11.334  8.461   1.00 10.00 ? 10 DG  A "C3'" 1 
ATOM   191 O "O3'" . DG  A 1 10 ? 8.163   12.398  7.813   1.00 12.00 ? 10 DG  A "O3'" 1 
ATOM   192 C "C2'" . DG  A 1 10 ? 7.961   10.431  9.293   1.00 10.00 ? 10 DG  A "C2'" 1 
ATOM   193 C "C1'" . DG  A 1 10 ? 7.431   9.513   8.213   1.00 10.00 ? 10 DG  A "C1'" 1 
ATOM   194 N N9    . DG  A 1 10 ? 7.098   8.184   8.757   1.00 8.00  ? 10 DG  A N9    1 
ATOM   195 C C8    . DG  A 1 10 ? 7.907   7.102   9.000   1.00 8.00  ? 10 DG  A C8    1 
ATOM   196 N N7    . DG  A 1 10 ? 7.277   6.055   9.459   1.00 8.00  ? 10 DG  A N7    1 
ATOM   197 C C5    . DG  A 1 10 ? 5.940   6.466   9.517   1.00 8.00  ? 10 DG  A C5    1 
ATOM   198 C C6    . DG  A 1 10 ? 4.759   5.797   9.957   1.00 8.00  ? 10 DG  A C6    1 
ATOM   199 O O6    . DG  A 1 10 ? 4.714   4.625   10.399  1.00 8.00  ? 10 DG  A O6    1 
ATOM   200 N N1    . DG  A 1 10 ? 3.600   6.555   9.906   1.00 8.00  ? 10 DG  A N1    1 
ATOM   201 C C2    . DG  A 1 10 ? 3.627   7.847   9.464   1.00 8.00  ? 10 DG  A C2    1 
ATOM   202 N N2    . DG  A 1 10 ? 2.450   8.518   9.445   1.00 8.00  ? 10 DG  A N2    1 
ATOM   203 N N3    . DG  A 1 10 ? 4.715   8.539   9.055   1.00 8.00  ? 10 DG  A N3    1 
ATOM   204 C C4    . DG  A 1 10 ? 5.820   7.780   9.109   1.00 8.00  ? 10 DG  A C4    1 
ATOM   205 P P     . DC  A 1 11 ? 7.260   13.457  8.616   1.00 12.00 ? 11 DC  A P     1 
ATOM   206 O OP1   . DC  A 1 11 ? 8.121   14.434  9.440   1.00 12.00 ? 11 DC  A OP1   1 
ATOM   207 O OP2   . DC  A 1 11 ? 6.536   12.622  9.622   1.00 12.00 ? 11 DC  A OP2   1 
ATOM   208 O "O5'" . DC  A 1 11 ? 6.330   14.179  7.609   1.00 12.00 ? 11 DC  A "O5'" 1 
ATOM   209 C "C5'" . DC  A 1 11 ? 4.924   14.179  7.475   1.00 10.00 ? 11 DC  A "C5'" 1 
ATOM   210 C "C4'" . DC  A 1 11 ? 4.150   13.929  8.735   1.00 10.00 ? 11 DC  A "C4'" 1 
ATOM   211 O "O4'" . DC  A 1 11 ? 4.107   12.525  9.024   1.00 10.00 ? 11 DC  A "O4'" 1 
ATOM   212 C "C3'" . DC  A 1 11 ? 4.628   14.626  10.015  1.00 10.00 ? 11 DC  A "C3'" 1 
ATOM   213 O "O3'" . DC  A 1 11 ? 3.908   15.828  10.254  1.00 12.00 ? 11 DC  A "O3'" 1 
ATOM   214 C "C2'" . DC  A 1 11 ? 4.476   13.590  11.120  1.00 10.00 ? 11 DC  A "C2'" 1 
ATOM   215 C "C1'" . DC  A 1 11 ? 3.864   12.396  10.454  1.00 10.00 ? 11 DC  A "C1'" 1 
ATOM   216 N N1    . DC  A 1 11 ? 4.408   11.126  10.965  1.00 8.00  ? 11 DC  A N1    1 
ATOM   217 C C2    . DC  A 1 11 ? 3.452   10.172  11.363  1.00 8.00  ? 11 DC  A C2    1 
ATOM   218 O O2    . DC  A 1 11 ? 2.233   10.413  11.270  1.00 8.00  ? 11 DC  A O2    1 
ATOM   219 N N3    . DC  A 1 11 ? 3.914   8.975   11.863  1.00 8.00  ? 11 DC  A N3    1 
ATOM   220 C C4    . DC  A 1 11 ? 5.241   8.706   11.970  1.00 8.00  ? 11 DC  A C4    1 
ATOM   221 N N4    . DC  A 1 11 ? 5.686   7.521   12.418  1.00 8.00  ? 11 DC  A N4    1 
ATOM   222 C C5    . DC  A 1 11 ? 6.184   9.674   11.545  1.00 8.00  ? 11 DC  A C5    1 
ATOM   223 C C6    . DC  A 1 11 ? 5.715   10.835  11.089  1.00 8.00  ? 11 DC  A C6    1 
ATOM   224 P P     . DG  A 1 12 ? 3.975   17.105  11.084  1.00 12.00 ? 12 DG  A P     1 
ATOM   225 O OP1   . DG  A 1 12 ? 3.302   18.272  10.300  1.00 12.00 ? 12 DG  A OP1   1 
ATOM   226 O OP2   . DG  A 1 12 ? 5.381   17.476  11.372  1.00 12.00 ? 12 DG  A OP2   1 
ATOM   227 O "O5'" . DG  A 1 12 ? 3.169   16.880  12.455  1.00 12.00 ? 12 DG  A "O5'" 1 
ATOM   228 C "C5'" . DG  A 1 12 ? 1.743   16.669  12.490  1.00 10.00 ? 12 DG  A "C5'" 1 
ATOM   229 C "C4'" . DG  A 1 12 ? 1.380   16.004  13.807  1.00 10.00 ? 12 DG  A "C4'" 1 
ATOM   230 O "O4'" . DG  A 1 12 ? 1.794   14.641  13.761  1.00 10.00 ? 12 DG  A "O4'" 1 
ATOM   231 C "C3'" . DG  A 1 12 ? 1.991   16.635  15.052  1.00 10.00 ? 12 DG  A "C3'" 1 
ATOM   232 O "O3'" . DG  A 1 12 ? 1.025   17.307  15.875  1.00 12.00 ? 12 DG  A "O3'" 1 
ATOM   233 C "C2'" . DG  A 1 12 ? 2.666   15.499  15.786  1.00 10.00 ? 12 DG  A "C2'" 1 
ATOM   234 C "C1'" . DG  A 1 12 ? 2.217   14.238  15.076  1.00 10.00 ? 12 DG  A "C1'" 1 
ATOM   235 N N9    . DG  A 1 12 ? 3.345   13.304  15.048  1.00 8.00  ? 12 DG  A N9    1 
ATOM   236 C C8    . DG  A 1 12 ? 4.628   13.528  14.571  1.00 8.00  ? 12 DG  A C8    1 
ATOM   237 N N7    . DG  A 1 12 ? 5.436   12.528  14.718  1.00 8.00  ? 12 DG  A N7    1 
ATOM   238 C C5    . DG  A 1 12 ? 4.645   11.553  15.339  1.00 8.00  ? 12 DG  A C5    1 
ATOM   239 C C6    . DG  A 1 12 ? 4.935   10.234  15.763  1.00 8.00  ? 12 DG  A C6    1 
ATOM   240 O O6    . DG  A 1 12 ? 6.057   9.695   15.652  1.00 8.00  ? 12 DG  A O6    1 
ATOM   241 N N1    . DG  A 1 12 ? 3.873   9.566   16.321  1.00 8.00  ? 12 DG  A N1    1 
ATOM   242 C C2    . DG  A 1 12 ? 2.665   10.140  16.490  1.00 8.00  ? 12 DG  A C2    1 
ATOM   243 N N2    . DG  A 1 12 ? 1.709   9.388   17.068  1.00 8.00  ? 12 DG  A N2    1 
ATOM   244 N N3    . DG  A 1 12 ? 2.336   11.403  16.153  1.00 8.00  ? 12 DG  A N3    1 
ATOM   245 C C4    . DG  A 1 12 ? 3.371   12.035  15.573  1.00 8.00  ? 12 DG  A C4    1 
ATOM   246 O "O5'" . DC  B 2 1  ? 4.300   4.620   20.304  1.00 12.00 ? 13 DC  B "O5'" 1 
ATOM   247 C "C5'" . DC  B 2 1  ? 3.722   3.297   20.500  1.00 10.00 ? 13 DC  B "C5'" 1 
ATOM   248 C "C4'" . DC  B 2 1  ? 2.246   3.348   20.285  1.00 10.00 ? 13 DC  B "C4'" 1 
ATOM   249 O "O4'" . DC  B 2 1  ? 1.845   4.391   19.385  1.00 10.00 ? 13 DC  B "O4'" 1 
ATOM   250 C "C3'" . DC  B 2 1  ? 1.620   2.136   19.549  1.00 10.00 ? 13 DC  B "C3'" 1 
ATOM   251 O "O3'" . DC  B 2 1  ? 0.221   2.165   19.657  1.00 12.00 ? 13 DC  B "O3'" 1 
ATOM   252 C "C2'" . DC  B 2 1  ? 2.234   2.416   18.149  1.00 10.00 ? 13 DC  B "C2'" 1 
ATOM   253 C "C1'" . DC  B 2 1  ? 2.044   3.902   18.003  1.00 10.00 ? 13 DC  B "C1'" 1 
ATOM   254 N N1    . DC  B 2 1  ? 3.194   4.603   17.420  1.00 8.00  ? 13 DC  B N1    1 
ATOM   255 C C2    . DC  B 2 1  ? 3.169   6.015   17.501  1.00 8.00  ? 13 DC  B C2    1 
ATOM   256 O O2    . DC  B 2 1  ? 2.178   6.605   17.945  1.00 8.00  ? 13 DC  B O2    1 
ATOM   257 N N3    . DC  B 2 1  ? 4.253   6.722   17.051  1.00 8.00  ? 13 DC  B N3    1 
ATOM   258 C C4    . DC  B 2 1  ? 5.349   6.096   16.555  1.00 8.00  ? 13 DC  B C4    1 
ATOM   259 N N4    . DC  B 2 1  ? 6.392   6.790   16.094  1.00 8.00  ? 13 DC  B N4    1 
ATOM   260 C C5    . DC  B 2 1  ? 5.395   4.657   16.519  1.00 8.00  ? 13 DC  B C5    1 
ATOM   261 C C6    . DC  B 2 1  ? 4.311   3.988   16.942  1.00 8.00  ? 13 DC  B C6    1 
ATOM   262 P P     . DG  B 2 2  ? -0.838  2.166   18.479  1.00 12.00 ? 14 DG  B P     1 
ATOM   263 O OP1   . DG  B 2 2  ? -1.983  1.234   18.660  1.00 12.00 ? 14 DG  B OP1   1 
ATOM   264 O OP2   . DG  B 2 2  ? -0.011  1.676   17.309  1.00 12.00 ? 14 DG  B OP2   1 
ATOM   265 O "O5'" . DG  B 2 2  ? -1.347  3.667   18.353  1.00 12.00 ? 14 DG  B "O5'" 1 
ATOM   266 C "C5'" . DG  B 2 2  ? -2.697  4.045   18.630  1.00 10.00 ? 14 DG  B "C5'" 1 
ATOM   267 C "C4'" . DG  B 2 2  ? -3.276  4.734   17.407  1.00 10.00 ? 14 DG  B "C4'" 1 
ATOM   268 O "O4'" . DG  B 2 2  ? -2.320  5.552   16.787  1.00 10.00 ? 14 DG  B "O4'" 1 
ATOM   269 C "C3'" . DG  B 2 2  ? -3.804  3.765   16.336  1.00 10.00 ? 14 DG  B "C3'" 1 
ATOM   270 O "O3'" . DG  B 2 2  ? -5.055  4.122   15.815  1.00 12.00 ? 14 DG  B "O3'" 1 
ATOM   271 C "C2'" . DG  B 2 2  ? -2.659  3.737   15.332  1.00 10.00 ? 14 DG  B "C2'" 1 
ATOM   272 C "C1'" . DG  B 2 2  ? -2.007  5.101   15.488  1.00 10.00 ? 14 DG  B "C1'" 1 
ATOM   273 N N9    . DG  B 2 2  ? -0.561  4.950   15.209  1.00 8.00  ? 14 DG  B N9    1 
ATOM   274 C C8    . DG  B 2 2  ? 0.234   3.842   15.291  1.00 8.00  ? 14 DG  B C8    1 
ATOM   275 N N7    . DG  B 2 2  ? 1.435   3.996   14.825  1.00 8.00  ? 14 DG  B N7    1 
ATOM   276 C C5    . DG  B 2 2  ? 1.457   5.325   14.398  1.00 8.00  ? 14 DG  B C5    1 
ATOM   277 C C6    . DG  B 2 2  ? 2.494   6.128   13.845  1.00 8.00  ? 14 DG  B C6    1 
ATOM   278 O O6    . DG  B 2 2  ? 3.663   5.738   13.631  1.00 8.00  ? 14 DG  B O6    1 
ATOM   279 N N1    . DG  B 2 2  ? 2.126   7.410   13.553  1.00 8.00  ? 14 DG  B N1    1 
ATOM   280 C C2    . DG  B 2 2  ? 0.845   7.864   13.749  1.00 8.00  ? 14 DG  B C2    1 
ATOM   281 N N2    . DG  B 2 2  ? 0.559   9.131   13.371  1.00 8.00  ? 14 DG  B N2    1 
ATOM   282 N N3    . DG  B 2 2  ? -0.169  7.154   14.280  1.00 8.00  ? 14 DG  B N3    1 
ATOM   283 C C4    . DG  B 2 2  ? 0.231   5.911   14.601  1.00 8.00  ? 14 DG  B C4    1 
ATOM   284 P P     . DC  B 2 3  ? -5.619  4.547   14.418  1.00 12.00 ? 15 DC  B P     1 
ATOM   285 O OP1   . DC  B 2 3  ? -6.852  5.440   14.657  1.00 12.00 ? 15 DC  B OP1   1 
ATOM   286 O OP2   . DC  B 2 3  ? -5.962  3.283   13.727  1.00 12.00 ? 15 DC  B OP2   1 
ATOM   287 O "O5'" . DC  B 2 3  ? -4.541  5.415   13.647  1.00 12.00 ? 15 DC  B "O5'" 1 
ATOM   288 C "C5'" . DC  B 2 3  ? -4.663  6.767   13.204  1.00 10.00 ? 15 DC  B "C5'" 1 
ATOM   289 C "C4'" . DC  B 2 3  ? -4.325  6.831   11.723  1.00 10.00 ? 15 DC  B "C4'" 1 
ATOM   290 O "O4'" . DC  B 2 3  ? -2.949  7.023   11.506  1.00 10.00 ? 15 DC  B "O4'" 1 
ATOM   291 C "C3'" . DC  B 2 3  ? -4.716  5.558   10.964  1.00 10.00 ? 15 DC  B "C3'" 1 
ATOM   292 O "O3'" . DC  B 2 3  ? -6.062  5.619   10.434  1.00 12.00 ? 15 DC  B "O3'" 1 
ATOM   293 C "C2'" . DC  B 2 3  ? -3.628  5.402   9.940   1.00 10.00 ? 15 DC  B "C2'" 1 
ATOM   294 C "C1'" . DC  B 2 3  ? -2.473  6.282   10.365  1.00 10.00 ? 15 DC  B "C1'" 1 
ATOM   295 N N1    . DC  B 2 3  ? -1.268  5.481   10.629  1.00 8.00  ? 15 DC  B N1    1 
ATOM   296 C C2    . DC  B 2 3  ? -0.062  6.186   10.801  1.00 8.00  ? 15 DC  B C2    1 
ATOM   297 O O2    . DC  B 2 3  ? -0.003  7.431   10.694  1.00 8.00  ? 15 DC  B O2    1 
ATOM   298 N N3    . DC  B 2 3  ? 1.081   5.465   11.061  1.00 8.00  ? 15 DC  B N3    1 
ATOM   299 C C4    . DC  B 2 3  ? 1.060   4.089   11.143  1.00 8.00  ? 15 DC  B C4    1 
ATOM   300 N N4    . DC  B 2 3  ? 2.196   3.406   11.370  1.00 8.00  ? 15 DC  B N4    1 
ATOM   301 C C5    . DC  B 2 3  ? -0.166  3.395   10.950  1.00 8.00  ? 15 DC  B C5    1 
ATOM   302 C C6    . DC  B 2 3  ? -1.245  4.127   10.675  1.00 8.00  ? 15 DC  B C6    1 
ATOM   303 P P     . DG  B 2 4  ? -6.583  6.650   9.322   1.00 12.00 ? 16 DG  B P     1 
ATOM   304 O OP1   . DG  B 2 4  ? -7.669  7.582   9.860   1.00 12.00 ? 16 DG  B OP1   1 
ATOM   305 O OP2   . DG  B 2 4  ? -7.176  5.760   8.278   1.00 12.00 ? 16 DG  B OP2   1 
ATOM   306 O "O5'" . DG  B 2 4  ? -5.333  7.479   8.905   1.00 12.00 ? 16 DG  B "O5'" 1 
ATOM   307 C "C5'" . DG  B 2 4  ? -5.232  8.922   8.985   1.00 10.00 ? 16 DG  B "C5'" 1 
ATOM   308 C "C4'" . DG  B 2 4  ? -4.777  9.300   7.571   1.00 10.00 ? 16 DG  B "C4'" 1 
ATOM   309 O "O4'" . DG  B 2 4  ? -3.488  8.830   7.311   1.00 10.00 ? 16 DG  B "O4'" 1 
ATOM   310 C "C3'" . DG  B 2 4  ? -5.697  8.683   6.497   1.00 10.00 ? 16 DG  B "C3'" 1 
ATOM   311 O "O3'" . DG  B 2 4  ? -6.040  9.673   5.527   1.00 12.00 ? 16 DG  B "O3'" 1 
ATOM   312 C "C2'" . DG  B 2 4  ? -4.924  7.484   6.046   1.00 10.00 ? 16 DG  B "C2'" 1 
ATOM   313 C "C1'" . DG  B 2 4  ? -3.482  7.798   6.317   1.00 10.00 ? 16 DG  B "C1'" 1 
ATOM   314 N N9    . DG  B 2 4  ? -2.748  6.589   6.755   1.00 8.00  ? 16 DG  B N9    1 
ATOM   315 C C8    . DG  B 2 4  ? -3.264  5.371   7.112   1.00 8.00  ? 16 DG  B C8    1 
ATOM   316 N N7    . DG  B 2 4  ? -2.367  4.462   7.415   1.00 8.00  ? 16 DG  B N7    1 
ATOM   317 C C5    . DG  B 2 4  ? -1.165  5.131   7.214   1.00 8.00  ? 16 DG  B C5    1 
ATOM   318 C C6    . DG  B 2 4  ? 0.182   4.700   7.370   1.00 8.00  ? 16 DG  B C6    1 
ATOM   319 O O6    . DG  B 2 4  ? 0.551   3.567   7.741   1.00 8.00  ? 16 DG  B O6    1 
ATOM   320 N N1    . DG  B 2 4  ? 1.117   5.652   7.057   1.00 8.00  ? 16 DG  B N1    1 
ATOM   321 C C2    . DG  B 2 4  ? 0.780   6.911   6.650   1.00 8.00  ? 16 DG  B C2    1 
ATOM   322 N N2    . DG  B 2 4  ? 1.801   7.743   6.362   1.00 8.00  ? 16 DG  B N2    1 
ATOM   323 N N3    . DG  B 2 4  ? -0.465  7.366   6.509   1.00 8.00  ? 16 DG  B N3    1 
ATOM   324 C C4    . DG  B 2 4  ? -1.382  6.426   6.803   1.00 8.00  ? 16 DG  B C4    1 
ATOM   325 P P     . DT  B 2 5  ? -5.645  9.755   4.008   1.00 12.00 ? 17 DT  B P     1 
ATOM   326 O OP1   . DT  B 2 5  ? -6.805  9.872   3.148   1.00 12.00 ? 17 DT  B OP1   1 
ATOM   327 O OP2   . DT  B 2 5  ? -4.803  8.531   3.783   1.00 12.00 ? 17 DT  B OP2   1 
ATOM   328 O "O5'" . DT  B 2 5  ? -4.632  11.043  3.881   1.00 12.00 ? 17 DT  B "O5'" 1 
ATOM   329 C "C5'" . DT  B 2 5  ? -3.995  11.088  2.572   1.00 10.00 ? 17 DT  B "C5'" 1 
ATOM   330 C "C4'" . DT  B 2 5  ? -2.564  10.664  2.671   1.00 10.00 ? 17 DT  B "C4'" 1 
ATOM   331 O "O4'" . DT  B 2 5  ? -2.319  9.811   3.775   1.00 10.00 ? 17 DT  B "O4'" 1 
ATOM   332 C "C3'" . DT  B 2 5  ? -2.052  9.876   1.436   1.00 10.00 ? 17 DT  B "C3'" 1 
ATOM   333 O "O3'" . DT  B 2 5  ? -1.670  10.734  0.356   1.00 12.00 ? 17 DT  B "O3'" 1 
ATOM   334 C "C2'" . DT  B 2 5  ? -0.880  9.104   2.008   1.00 10.00 ? 17 DT  B "C2'" 1 
ATOM   335 C "C1'" . DT  B 2 5  ? -1.182  8.991   3.494   1.00 10.00 ? 17 DT  B "C1'" 1 
ATOM   336 N N1    . DT  B 2 5  ? -1.411  7.568   3.767   1.00 8.00  ? 17 DT  B N1    1 
ATOM   337 C C2    . DT  B 2 5  ? -0.240  6.790   3.879   1.00 8.00  ? 17 DT  B C2    1 
ATOM   338 O O2    . DT  B 2 5  ? 0.896   7.242   3.880   1.00 8.00  ? 17 DT  B O2    1 
ATOM   339 N N3    . DT  B 2 5  ? -0.390  5.444   4.040   1.00 8.00  ? 17 DT  B N3    1 
ATOM   340 C C4    . DT  B 2 5  ? -1.602  4.841   4.097   1.00 8.00  ? 17 DT  B C4    1 
ATOM   341 O O4    . DT  B 2 5  ? -1.576  3.606   4.276   1.00 8.00  ? 17 DT  B O4    1 
ATOM   342 C C5    . DT  B 2 5  ? -2.775  5.634   3.913   1.00 8.00  ? 17 DT  B C5    1 
ATOM   343 C C7    . DT  B 2 5  ? -4.131  4.994   3.955   1.00 8.00  ? 17 DT  B C7    1 
ATOM   344 C C6    . DT  B 2 5  ? -2.620  6.950   3.722   1.00 8.00  ? 17 DT  B C6    1 
ATOM   345 P P     . DT  B 2 6  ? -1.624  10.495  -1.174  1.00 12.00 ? 18 DT  B P     1 
ATOM   346 O OP1   . DT  B 2 6  ? -1.557  11.811  -1.987  1.00 12.00 ? 18 DT  B OP1   1 
ATOM   347 O OP2   . DT  B 2 6  ? -2.851  9.776   -1.477  1.00 12.00 ? 18 DT  B OP2   1 
ATOM   348 O "O5'" . DT  B 2 6  ? -0.221  9.718   -1.511  1.00 12.00 ? 18 DT  B "O5'" 1 
ATOM   349 C "C5'" . DT  B 2 6  ? 0.772   9.453   -0.542  1.00 10.00 ? 18 DT  B "C5'" 1 
ATOM   350 C "C4'" . DT  B 2 6  ? 1.963   8.629   -1.010  1.00 10.00 ? 18 DT  B "C4'" 1 
ATOM   351 O "O4'" . DT  B 2 6  ? 2.214   7.631   -0.010  1.00 10.00 ? 18 DT  B "O4'" 1 
ATOM   352 C "C3'" . DT  B 2 6  ? 1.932   7.931   -2.335  1.00 10.00 ? 18 DT  B "C3'" 1 
ATOM   353 O "O3'" . DT  B 2 6  ? 3.009   8.331   -3.262  1.00 12.00 ? 18 DT  B "O3'" 1 
ATOM   354 C "C2'" . DT  B 2 6  ? 2.086   6.456   -2.073  1.00 10.00 ? 18 DT  B "C2'" 1 
ATOM   355 C "C1'" . DT  B 2 6  ? 2.166   6.334   -0.571  1.00 10.00 ? 18 DT  B "C1'" 1 
ATOM   356 N N1    . DT  B 2 6  ? 1.025   5.471   -0.169  1.00 8.00  ? 18 DT  B N1    1 
ATOM   357 C C2    . DT  B 2 6  ? 1.422   4.156   0.114   1.00 8.00  ? 18 DT  B C2    1 
ATOM   358 O O2    . DT  B 2 6  ? 2.574   3.758   0.077   1.00 8.00  ? 18 DT  B O2    1 
ATOM   359 N N3    . DT  B 2 6  ? 0.448   3.264   0.471   1.00 8.00  ? 18 DT  B N3    1 
ATOM   360 C C4    . DT  B 2 6  ? -0.871  3.583   0.504   1.00 8.00  ? 18 DT  B C4    1 
ATOM   361 O O4    . DT  B 2 6  ? -1.648  2.652   0.822   1.00 8.00  ? 18 DT  B O4    1 
ATOM   362 C C5    . DT  B 2 6  ? -1.251  4.917   0.185   1.00 8.00  ? 18 DT  B C5    1 
ATOM   363 C C7    . DT  B 2 6  ? -2.708  5.295   0.274   1.00 8.00  ? 18 DT  B C7    1 
ATOM   364 C C6    . DT  B 2 6  ? -0.291  5.785   -0.162  1.00 8.00  ? 18 DT  B C6    1 
ATOM   365 O "O5'" . DT  C 3 1  ? 4.413   5.802   -3.121  1.00 12.00 ? 19 DT  C "O5'" 1 
ATOM   366 C "C5'" . DT  C 3 1  ? 4.672   4.977   -1.982  1.00 10.00 ? 19 DT  C "C5'" 1 
ATOM   367 C "C4'" . DT  C 3 1  ? 5.376   3.705   -2.405  1.00 10.00 ? 19 DT  C "C4'" 1 
ATOM   368 O "O4'" . DT  C 3 1  ? 4.784   2.563   -1.805  1.00 10.00 ? 19 DT  C "O4'" 1 
ATOM   369 C "C3'" . DT  C 3 1  ? 5.359   3.396   -3.913  1.00 10.00 ? 19 DT  C "C3'" 1 
ATOM   370 O "O3'" . DT  C 3 1  ? 6.500   2.671   -4.342  1.00 12.00 ? 19 DT  C "O3'" 1 
ATOM   371 C "C2'" . DT  C 3 1  ? 4.057   2.654   -4.060  1.00 10.00 ? 19 DT  C "C2'" 1 
ATOM   372 C "C1'" . DT  C 3 1  ? 3.915   1.921   -2.734  1.00 10.00 ? 19 DT  C "C1'" 1 
ATOM   373 N N1    . DT  C 3 1  ? 2.498   1.961   -2.360  1.00 8.00  ? 19 DT  C N1    1 
ATOM   374 C C2    . DT  C 3 1  ? 2.031   0.861   -1.647  1.00 8.00  ? 19 DT  C C2    1 
ATOM   375 O O2    . DT  C 3 1  ? 2.718   -0.072  -1.272  1.00 8.00  ? 19 DT  C O2    1 
ATOM   376 N N3    . DT  C 3 1  ? 0.696   0.809   -1.351  1.00 8.00  ? 19 DT  C N3    1 
ATOM   377 C C4    . DT  C 3 1  ? -0.185  1.769   -1.747  1.00 8.00  ? 19 DT  C C4    1 
ATOM   378 O O4    . DT  C 3 1  ? -1.375  1.586   -1.391  1.00 8.00  ? 19 DT  C O4    1 
ATOM   379 C C5    . DT  C 3 1  ? 0.303   2.879   -2.524  1.00 8.00  ? 19 DT  C C5    1 
ATOM   380 C C7    . DT  C 3 1  ? -0.667  3.933   -2.964  1.00 8.00  ? 19 DT  C C7    1 
ATOM   381 C C6    . DT  C 3 1  ? 1.605   2.912   -2.800  1.00 8.00  ? 19 DT  C C6    1 
ATOM   382 P P     . DT  C 3 2  ? 6.686   1.111   -4.563  1.00 12.00 ? 20 DT  C P     1 
ATOM   383 O OP1   . DT  C 3 2  ? 8.107   0.796   -4.973  1.00 12.00 ? 20 DT  C OP1   1 
ATOM   384 O OP2   . DT  C 3 2  ? 5.784   0.819   -5.733  1.00 12.00 ? 20 DT  C OP2   1 
ATOM   385 O "O5'" . DT  C 3 2  ? 6.222   0.442   -3.214  1.00 12.00 ? 20 DT  C "O5'" 1 
ATOM   386 C "C5'" . DT  C 3 2  ? 6.991   -0.336  -2.274  1.00 10.00 ? 20 DT  C "C5'" 1 
ATOM   387 C "C4'" . DT  C 3 2  ? 6.487   -1.778  -2.478  1.00 10.00 ? 20 DT  C "C4'" 1 
ATOM   388 O "O4'" . DT  C 3 2  ? 5.063   -1.732  -2.299  1.00 10.00 ? 20 DT  C "O4'" 1 
ATOM   389 C "C3'" . DT  C 3 2  ? 6.797   -2.278  -3.880  1.00 10.00 ? 20 DT  C "C3'" 1 
ATOM   390 O "O3'" . DT  C 3 2  ? 6.989   -3.656  -4.191  1.00 12.00 ? 20 DT  C "O3'" 1 
ATOM   391 C "C2'" . DT  C 3 2  ? 5.529   -1.773  -4.583  1.00 10.00 ? 20 DT  C "C2'" 1 
ATOM   392 C "C1'" . DT  C 3 2  ? 4.460   -2.181  -3.490  1.00 10.00 ? 20 DT  C "C1'" 1 
ATOM   393 N N1    . DT  C 3 2  ? 3.189   -1.699  -4.037  1.00 8.00  ? 20 DT  C N1    1 
ATOM   394 C C2    . DT  C 3 2  ? 2.040   -2.416  -3.658  1.00 8.00  ? 20 DT  C C2    1 
ATOM   395 O O2    . DT  C 3 2  ? 2.028   -3.266  -2.764  1.00 8.00  ? 20 DT  C O2    1 
ATOM   396 N N3    . DT  C 3 2  ? 0.868   -2.117  -4.298  1.00 8.00  ? 20 DT  C N3    1 
ATOM   397 C C4    . DT  C 3 2  ? 0.775   -1.208  -5.302  1.00 8.00  ? 20 DT  C C4    1 
ATOM   398 O O4    . DT  C 3 2  ? -0.363  -1.027  -5.804  1.00 8.00  ? 20 DT  C O4    1 
ATOM   399 C C5    . DT  C 3 2  ? 1.973   -0.538  -5.731  1.00 8.00  ? 20 DT  C C5    1 
ATOM   400 C C7    . DT  C 3 2  ? 1.903   0.483   -6.833  1.00 8.00  ? 20 DT  C C7    1 
ATOM   401 C C6    . DT  C 3 2  ? 3.091   -0.809  -5.080  1.00 8.00  ? 20 DT  C C6    1 
ATOM   402 P P     . DC  C 3 3  ? 6.975   -4.260  -5.744  1.00 12.00 ? 21 DC  C P     1 
ATOM   403 O OP1   . DC  C 3 3  ? 8.420   -4.449  -6.186  1.00 12.00 ? 21 DC  C OP1   1 
ATOM   404 O OP2   . DC  C 3 3  ? 6.364   -3.199  -6.584  1.00 12.00 ? 21 DC  C OP2   1 
ATOM   405 O "O5'" . DC  C 3 3  ? 6.135   -5.579  -5.606  1.00 12.00 ? 21 DC  C "O5'" 1 
ATOM   406 C "C5'" . DC  C 3 3  ? 4.720   -5.504  -5.314  1.00 10.00 ? 21 DC  C "C5'" 1 
ATOM   407 C "C4'" . DC  C 3 3  ? 4.274   -6.843  -4.793  1.00 10.00 ? 21 DC  C "C4'" 1 
ATOM   408 O "O4'" . DC  C 3 3  ? 2.909   -6.820  -4.414  1.00 10.00 ? 21 DC  C "O4'" 1 
ATOM   409 C "C3'" . DC  C 3 3  ? 4.367   -7.994  -5.822  1.00 10.00 ? 21 DC  C "C3'" 1 
ATOM   410 O "O3'" . DC  C 3 3  ? 4.639   -9.212  -5.210  1.00 12.00 ? 21 DC  C "O3'" 1 
ATOM   411 C "C2'" . DC  C 3 3  ? 3.019   -7.900  -6.524  1.00 10.00 ? 21 DC  C "C2'" 1 
ATOM   412 C "C1'" . DC  C 3 3  ? 2.092   -7.232  -5.541  1.00 10.00 ? 21 DC  C "C1'" 1 
ATOM   413 N N1    . DC  C 3 3  ? 1.420   -6.089  -6.197  1.00 8.00  ? 21 DC  C N1    1 
ATOM   414 C C2    . DC  C 3 3  ? 0.041   -6.006  -6.145  1.00 8.00  ? 21 DC  C C2    1 
ATOM   415 O O2    . DC  C 3 3  ? -0.614  -6.884  -5.561  1.00 8.00  ? 21 DC  C O2    1 
ATOM   416 N N3    . DC  C 3 3  ? -0.560  -4.924  -6.732  1.00 8.00  ? 21 DC  C N3    1 
ATOM   417 C C4    . DC  C 3 3  ? 0.162   -3.964  -7.379  1.00 8.00  ? 21 DC  C C4    1 
ATOM   418 N N4    . DC  C 3 3  ? -0.440  -2.923  -7.965  1.00 8.00  ? 21 DC  C N4    1 
ATOM   419 C C5    . DC  C 3 3  ? 1.583   -4.058  -7.437  1.00 8.00  ? 21 DC  C C5    1 
ATOM   420 C C6    . DC  C 3 3  ? 2.154   -5.111  -6.838  1.00 8.00  ? 21 DC  C C6    1 
ATOM   421 P P     . DG  C 3 4  ? 4.355   -10.692 -5.252  1.00 12.00 ? 22 DG  C P     1 
ATOM   422 O OP1   . DG  C 3 4  ? 5.469   -11.485 -4.486  1.00 12.00 ? 22 DG  C OP1   1 
ATOM   423 O OP2   . DG  C 3 4  ? 4.449   -11.114 -6.695  1.00 12.00 ? 22 DG  C OP2   1 
ATOM   424 O "O5'" . DG  C 3 4  ? 2.964   -11.047 -4.573  1.00 12.00 ? 22 DG  C "O5'" 1 
ATOM   425 C "C5'" . DG  C 3 4  ? 2.305   -12.260 -4.993  1.00 10.00 ? 22 DG  C "C5'" 1 
ATOM   426 C "C4'" . DG  C 3 4  ? 0.982   -11.991 -5.604  1.00 10.00 ? 22 DG  C "C4'" 1 
ATOM   427 O "O4'" . DG  C 3 4  ? 0.832   -10.653 -6.071  1.00 10.00 ? 22 DG  C "O4'" 1 
ATOM   428 C "C3'" . DG  C 3 4  ? 0.645   -12.840 -6.870  1.00 10.00 ? 22 DG  C "C3'" 1 
ATOM   429 O "O3'" . DG  C 3 4  ? 0.377   -14.180 -6.547  1.00 12.00 ? 22 DG  C "O3'" 1 
ATOM   430 C "C2'" . DG  C 3 4  ? -0.483  -11.996 -7.480  1.00 10.00 ? 22 DG  C "C2'" 1 
ATOM   431 C "C1'" . DG  C 3 4  ? -0.459  -10.677 -6.826  1.00 10.00 ? 22 DG  C "C1'" 1 
ATOM   432 N N9    . DG  C 3 4  ? -0.460  -9.484  -7.677  1.00 8.00  ? 22 DG  C N9    1 
ATOM   433 C C8    . DG  C 3 4  ? 0.604   -8.980  -8.384  1.00 8.00  ? 22 DG  C C8    1 
ATOM   434 N N7    . DG  C 3 4  ? 0.358   -7.871  -9.017  1.00 8.00  ? 22 DG  C N7    1 
ATOM   435 C C5    . DG  C 3 4  ? -0.951  -7.565  -8.632  1.00 8.00  ? 22 DG  C C5    1 
ATOM   436 C C6    . DG  C 3 4  ? -1.790  -6.449  -8.961  1.00 8.00  ? 22 DG  C C6    1 
ATOM   437 O O6    . DG  C 3 4  ? -1.492  -5.500  -9.695  1.00 8.00  ? 22 DG  C O6    1 
ATOM   438 N N1    . DG  C 3 4  ? -3.035  -6.504  -8.421  1.00 8.00  ? 22 DG  C N1    1 
ATOM   439 C C2    . DG  C 3 4  ? -3.440  -7.538  -7.614  1.00 8.00  ? 22 DG  C C2    1 
ATOM   440 N N2    . DG  C 3 4  ? -4.717  -7.439  -7.149  1.00 8.00  ? 22 DG  C N2    1 
ATOM   441 N N3    . DG  C 3 4  ? -2.690  -8.583  -7.250  1.00 8.00  ? 22 DG  C N3    1 
ATOM   442 C C4    . DG  C 3 4  ? -1.455  -8.527  -7.789  1.00 8.00  ? 22 DG  C C4    1 
ATOM   443 P P     . DC  C 3 5  ? -0.196  -15.519 -6.892  1.00 12.00 ? 23 DC  C P     1 
ATOM   444 O OP1   . DC  C 3 5  ? -0.235  -16.548 -5.722  1.00 12.00 ? 23 DC  C OP1   1 
ATOM   445 O OP2   . DC  C 3 5  ? 0.500   -16.201 -8.010  1.00 12.00 ? 23 DC  C OP2   1 
ATOM   446 O "O5'" . DC  C 3 5  ? -1.810  -15.223 -7.265  1.00 12.00 ? 23 DC  C "O5'" 1 
ATOM   447 C "C5'" . DC  C 3 5  ? -2.395  -14.155 -6.457  1.00 10.00 ? 23 DC  C "C5'" 1 
ATOM   448 C "C4'" . DC  C 3 5  ? -3.863  -14.019 -6.755  1.00 10.00 ? 23 DC  C "C4'" 1 
ATOM   449 O "O4'" . DC  C 3 5  ? -4.163  -12.692 -7.155  1.00 10.00 ? 23 DC  C "O4'" 1 
ATOM   450 C "C3'" . DC  C 3 5  ? -4.391  -14.928 -7.872  1.00 10.00 ? 23 DC  C "C3'" 1 
ATOM   451 O "O3'" . DC  C 3 5  ? -5.681  -15.473 -7.613  1.00 12.00 ? 23 DC  C "O3'" 1 
ATOM   452 C "C2'" . DC  C 3 5  ? -4.333  -14.043 -9.112  1.00 10.00 ? 23 DC  C "C2'" 1 
ATOM   453 C "C1'" . DC  C 3 5  ? -4.445  -12.633 -8.568  1.00 10.00 ? 23 DC  C "C1'" 1 
ATOM   454 N N1    . DC  C 3 5  ? -3.496  -11.772 -9.284  1.00 8.00  ? 23 DC  C N1    1 
ATOM   455 C C2    . DC  C 3 5  ? -3.940  -10.508 -9.665  1.00 8.00  ? 23 DC  C C2    1 
ATOM   456 O O2    . DC  C 3 5  ? -5.093  -10.140 -9.388  1.00 8.00  ? 23 DC  C O2    1 
ATOM   457 N N3    . DC  C 3 5  ? -3.061  -9.697  -10.326 1.00 8.00  ? 23 DC  C N3    1 
ATOM   458 C C4    . DC  C 3 5  ? -1.799  -10.103 -10.627 1.00 8.00  ? 23 DC  C C4    1 
ATOM   459 N N4    . DC  C 3 5  ? -0.933  -9.299  -11.249 1.00 8.00  ? 23 DC  C N4    1 
ATOM   460 C C5    . DC  C 3 5  ? -1.358  -11.407 -10.256 1.00 8.00  ? 23 DC  C C5    1 
ATOM   461 C C6    . DC  C 3 5  ? -2.243  -12.195 -9.623  1.00 8.00  ? 23 DC  C C6    1 
ATOM   462 P P     . DG  C 3 6  ? -7.101  -14.776 -7.736  1.00 12.00 ? 24 DG  C P     1 
ATOM   463 O OP1   . DG  C 3 6  ? -7.302  -13.746 -6.609  1.00 12.00 ? 24 DG  C OP1   1 
ATOM   464 O OP2   . DG  C 3 6  ? -8.066  -15.907 -7.538  1.00 12.00 ? 24 DG  C OP2   1 
ATOM   465 O "O5'" . DG  C 3 6  ? -7.094  -14.097 -9.160  1.00 12.00 ? 24 DG  C "O5'" 1 
ATOM   466 C "C5'" . DG  C 3 6  ? -7.834  -14.527 -10.310 1.00 10.00 ? 24 DG  C "C5'" 1 
ATOM   467 C "C4'" . DG  C 3 6  ? -8.935  -13.504 -10.594 1.00 10.00 ? 24 DG  C "C4'" 1 
ATOM   468 O "O4'" . DG  C 3 6  ? -8.374  -12.214 -10.752 1.00 10.00 ? 24 DG  C "O4'" 1 
ATOM   469 C "C3'" . DG  C 3 6  ? -9.773  -13.787 -11.836 1.00 10.00 ? 24 DG  C "C3'" 1 
ATOM   470 O "O3'" . DG  C 3 6  ? -11.147 -14.052 -11.495 1.00 12.00 ? 24 DG  C "O3'" 1 
ATOM   471 C "C2'" . DG  C 3 6  ? -9.573  -12.588 -12.733 1.00 10.00 ? 24 DG  C "C2'" 1 
ATOM   472 C "C1'" . DG  C 3 6  ? -8.444  -11.805 -12.092 1.00 10.00 ? 24 DG  C "C1'" 1 
ATOM   473 N N9    . DG  C 3 6  ? -7.172  -12.005 -12.819 1.00 8.00  ? 24 DG  C N9    1 
ATOM   474 C C8    . DG  C 3 6  ? -6.455  -13.136 -13.095 1.00 8.00  ? 24 DG  C C8    1 
ATOM   475 N N7    . DG  C 3 6  ? -5.377  -12.930 -13.801 1.00 8.00  ? 24 DG  C N7    1 
ATOM   476 C C5    . DG  C 3 6  ? -5.360  -11.546 -14.004 1.00 8.00  ? 24 DG  C C5    1 
ATOM   477 C C6    . DG  C 3 6  ? -4.457  -10.692 -14.695 1.00 8.00  ? 24 DG  C C6    1 
ATOM   478 O O6    . DG  C 3 6  ? -3.438  -11.051 -15.322 1.00 8.00  ? 24 DG  C O6    1 
ATOM   479 N N1    . DG  C 3 6  ? -4.797  -9.356  -14.642 1.00 8.00  ? 24 DG  C N1    1 
ATOM   480 C C2    . DG  C 3 6  ? -5.907  -8.911  -13.998 1.00 8.00  ? 24 DG  C C2    1 
ATOM   481 N N2    . DG  C 3 6  ? -6.145  -7.588  -13.990 1.00 8.00  ? 24 DG  C N2    1 
ATOM   482 N N3    . DG  C 3 6  ? -6.775  -9.664  -13.330 1.00 8.00  ? 24 DG  C N3    1 
ATOM   483 C C4    . DG  C 3 6  ? -6.442  -10.967 -13.383 1.00 8.00  ? 24 DG  C C4    1 
HETATM 484 O O     . HOH D 4 .  ? -4.139  -14.561 2.742   1.00 10.00 ? 27 HOH A O     1 
HETATM 485 O O     . HOH D 4 .  ? 10.727  -1.845  6.015   1.00 10.00 ? 28 HOH A O     1 
HETATM 486 O O     . HOH D 4 .  ? 6.018   7.411   -18.986 1.00 10.00 ? 30 HOH A O     1 
HETATM 487 O O     . HOH D 4 .  ? -6.908  4.491   -6.718  1.00 10.00 ? 32 HOH A O     1 
HETATM 488 O O     . HOH D 4 .  ? 1.392   -13.690 11.211  1.00 10.00 ? 35 HOH A O     1 
HETATM 489 O O     . HOH D 4 .  ? 0.188   -7.253  6.824   1.00 10.00 ? 36 HOH A O     1 
HETATM 490 O O     . HOH D 4 .  ? 11.145  -4.874  4.310   1.00 10.00 ? 41 HOH A O     1 
HETATM 491 O O     . HOH D 4 .  ? -1.167  -18.097 1.143   1.00 10.00 ? 42 HOH A O     1 
HETATM 492 O O     . HOH D 4 .  ? -2.277  -21.232 7.273   1.00 10.00 ? 44 HOH A O     1 
HETATM 493 O O     . HOH D 4 .  ? -8.419  -13.182 1.113   1.00 10.00 ? 45 HOH A O     1 
HETATM 494 O O     . HOH D 4 .  ? 4.099   8.364   3.835   1.00 10.00 ? 48 HOH A O     1 
HETATM 495 O O     . HOH D 4 .  ? 0.353   -10.300 0.630   1.00 10.00 ? 50 HOH A O     1 
HETATM 496 O O     . HOH D 4 .  ? 13.374  3.434   3.230   1.00 10.00 ? 51 HOH A O     1 
HETATM 497 O O     . HOH D 4 .  ? 2.143   6.750   -15.331 1.00 10.00 ? 52 HOH A O     1 
HETATM 498 O O     . HOH D 4 .  ? 1.450   -13.967 6.801   1.00 10.00 ? 54 HOH A O     1 
HETATM 499 O O     . HOH D 4 .  ? -14.600 14.895  -9.063  1.00 10.00 ? 59 HOH A O     1 
HETATM 500 O O     . HOH D 4 .  ? -14.088 8.005   -5.317  1.00 10.00 ? 60 HOH A O     1 
HETATM 501 O O     . HOH D 4 .  ? -0.536  -13.673 0.154   1.00 10.00 ? 63 HOH A O     1 
HETATM 502 O O     . HOH D 4 .  ? -2.525  -16.555 3.961   1.00 10.00 ? 64 HOH A O     1 
HETATM 503 O O     . HOH D 4 .  ? -11.114 1.475   -2.736  1.00 10.00 ? 66 HOH A O     1 
HETATM 504 O O     . HOH D 4 .  ? -12.270 3.517   -6.161  1.00 10.00 ? 67 HOH A O     1 
HETATM 505 O O     . HOH D 4 .  ? -3.935  -15.603 5.875   1.00 10.00 ? 68 HOH A O     1 
HETATM 506 O O     . HOH D 4 .  ? 0.944   -6.888  -0.774  1.00 10.00 ? 69 HOH A O     1 
HETATM 507 O O     . HOH D 4 .  ? -0.153  -14.684 8.970   1.00 10.00 ? 71 HOH A O     1 
HETATM 508 O O     . HOH D 4 .  ? 6.185   -4.805  0.849   1.00 10.00 ? 74 HOH A O     1 
HETATM 509 O O     . HOH D 4 .  ? -13.002 8.305   -0.933  1.00 10.00 ? 75 HOH A O     1 
HETATM 510 O O     . HOH D 4 .  ? 1.806   -20.822 2.531   1.00 10.00 ? 76 HOH A O     1 
HETATM 511 O O     . HOH D 4 .  ? -5.429  -18.410 4.425   1.00 10.00 ? 77 HOH A O     1 
HETATM 512 O O     . HOH D 4 .  ? -7.879  4.827   -14.789 1.00 10.00 ? 79 HOH A O     1 
HETATM 513 O O     . HOH D 4 .  ? -7.165  2.627   -1.104  1.00 10.00 ? 85 HOH A O     1 
HETATM 514 O O     . HOH E 4 .  ? -9.266  9.960   6.131   1.00 10.00 ? 82 HOH B O     1 
HETATM 515 O O     . HOH F 4 .  ? 2.820   -8.673  -14.188 1.00 10.00 ? 25 HOH C O     1 
HETATM 516 O O     . HOH F 4 .  ? 6.762   -7.029  -13.056 1.00 10.00 ? 26 HOH C O     1 
HETATM 517 O O     . HOH F 4 .  ? 12.313  -8.524  -3.811  1.00 10.00 ? 29 HOH C O     1 
HETATM 518 O O     . HOH F 4 .  ? 6.762   5.115   -16.497 1.00 10.00 ? 31 HOH C O     1 
HETATM 519 O O     . HOH F 4 .  ? 2.336   5.218   -10.027 1.00 10.00 ? 33 HOH C O     1 
HETATM 520 O O     . HOH F 4 .  ? 8.699   6.454   -12.285 1.00 10.00 ? 34 HOH C O     1 
HETATM 521 O O     . HOH F 4 .  ? 11.344  -0.763  -5.070  1.00 10.00 ? 37 HOH C O     1 
HETATM 522 O O     . HOH F 4 .  ? 14.859  -5.258  -2.499  1.00 10.00 ? 38 HOH C O     1 
HETATM 523 O O     . HOH F 4 .  ? 3.880   6.859   -8.634  1.00 10.00 ? 39 HOH C O     1 
HETATM 524 O O     . HOH F 4 .  ? 17.560  -6.958  2.711   1.00 10.00 ? 40 HOH C O     1 
HETATM 525 O O     . HOH F 4 .  ? 9.470   -9.275  -9.330  1.00 10.00 ? 43 HOH C O     1 
HETATM 526 O O     . HOH F 4 .  ? 5.202   2.024   -13.403 1.00 10.00 ? 46 HOH C O     1 
HETATM 527 O O     . HOH F 4 .  ? 4.479   -15.206 0.776   1.00 10.00 ? 47 HOH C O     1 
HETATM 528 O O     . HOH F 4 .  ? 3.115   -0.437  -9.803  1.00 10.00 ? 49 HOH C O     1 
HETATM 529 O O     . HOH F 4 .  ? 8.052   3.078   -14.933 1.00 10.00 ? 53 HOH C O     1 
HETATM 530 O O     . HOH F 4 .  ? 2.870   10.908  -16.912 1.00 10.00 ? 55 HOH C O     1 
HETATM 531 O O     . HOH F 4 .  ? 6.155   9.865   -13.144 1.00 10.00 ? 56 HOH C O     1 
HETATM 532 O O     . HOH F 4 .  ? 16.930  -9.158  -0.362  1.00 10.00 ? 57 HOH C O     1 
HETATM 533 O O     . HOH F 4 .  ? 7.048   9.538   -10.205 1.00 10.00 ? 58 HOH C O     1 
HETATM 534 O O     . HOH F 4 .  ? 7.148   -13.449 -8.577  1.00 10.00 ? 61 HOH C O     1 
HETATM 535 O O     . HOH F 4 .  ? 2.538   1.705   -17.554 1.00 10.00 ? 62 HOH C O     1 
HETATM 536 O O     . HOH F 4 .  ? -0.535  2.842   -12.526 1.00 10.00 ? 65 HOH C O     1 
HETATM 537 O O     . HOH F 4 .  ? 10.661  1.831   -10.137 1.00 10.00 ? 70 HOH C O     1 
HETATM 538 O O     . HOH F 4 .  ? 6.573   6.469   -8.494  1.00 10.00 ? 72 HOH C O     1 
HETATM 539 O O     . HOH F 4 .  ? 10.505  7.611   -9.060  1.00 10.00 ? 73 HOH C O     1 
HETATM 540 O O     . HOH F 4 .  ? 6.004   1.944   -18.459 1.00 10.00 ? 78 HOH C O     1 
HETATM 541 O O     . HOH F 4 .  ? 6.256   -1.943  -11.267 1.00 10.00 ? 80 HOH C O     1 
HETATM 542 O O     . HOH F 4 .  ? 13.386  -5.214  -9.257  1.00 10.00 ? 81 HOH C O     1 
HETATM 543 O O     . HOH F 4 .  ? 12.040  -6.790  -6.936  1.00 10.00 ? 83 HOH C O     1 
HETATM 544 O O     . HOH F 4 .  ? 4.537   5.904   -13.770 1.00 10.00 ? 84 HOH C O     1 
# 
